data_3URM
#
_entry.id   3URM
#
_cell.length_a   130.076
_cell.length_b   130.076
_cell.length_c   64.676
_cell.angle_alpha   90.00
_cell.angle_beta   90.00
_cell.angle_gamma   120.00
#
_symmetry.space_group_name_H-M   'P 65'
#
loop_
_entity.id
_entity.type
_entity.pdbx_description
1 polymer 'Multiple sugar-binding periplasmic receptor ChvE'
2 non-polymer beta-D-galactopyranose
3 water water
#
_entity_poly.entity_id   1
_entity_poly.type   'polypeptide(L)'
_entity_poly.pdbx_seq_one_letter_code
;QDKGSVGIAMPTKSSARWIDDGNNIVKQLQEAGYKTDLQYADDDIPNQLSQIENMVTKGVKVLVIASIDGTTLSDVLKQA
GEQGIKVIAYDRLIRNSGDVSYYATFDNFQVGVLQATSITDKLGLKDGKGPFNIELFGGSPDDNNAFFFYDGAMSVLKPY
IDSGKLVVKSGQMGMDKVGTLRWDPATAQARMDNLLSAYYTDAKVDAVLSPYDGLSIGIISSLKGVGYGTKDQPLPVVSG
QDAEVPSVKSIIAGEQYSTIFKDTRELAKVTVNMVNAVMEGKEPEVNDTKTYENGVKVVPSYLLKPVAVTKENYKQVLVD
GGYYKEDQLK
;
_entity_poly.pdbx_strand_id   A,B
#
# COMPACT_ATOMS: atom_id res chain seq x y z
N ASP A 2 -33.44 -2.55 -16.86
CA ASP A 2 -33.91 -3.93 -16.74
C ASP A 2 -32.83 -4.93 -17.16
N LYS A 3 -31.60 -4.66 -16.72
CA LYS A 3 -30.48 -5.55 -16.99
C LYS A 3 -30.56 -6.85 -16.19
N GLY A 4 -31.60 -6.97 -15.38
CA GLY A 4 -31.79 -8.16 -14.56
C GLY A 4 -31.60 -7.88 -13.08
N SER A 5 -32.02 -8.81 -12.23
CA SER A 5 -31.95 -8.61 -10.80
C SER A 5 -30.80 -9.39 -10.19
N VAL A 6 -30.23 -8.82 -9.13
CA VAL A 6 -29.10 -9.43 -8.47
C VAL A 6 -29.43 -9.52 -6.99
N GLY A 7 -29.22 -10.70 -6.40
CA GLY A 7 -29.45 -10.89 -4.98
C GLY A 7 -28.13 -10.77 -4.24
N ILE A 8 -28.11 -9.99 -3.16
CA ILE A 8 -26.89 -9.76 -2.40
C ILE A 8 -27.10 -10.10 -0.93
N ALA A 9 -26.41 -11.12 -0.45
CA ALA A 9 -26.56 -11.58 0.93
C ALA A 9 -25.33 -11.23 1.75
N MET A 10 -25.53 -10.40 2.76
CA MET A 10 -24.44 -10.01 3.66
C MET A 10 -24.69 -10.64 5.03
N PRO A 11 -23.60 -10.95 5.76
CA PRO A 11 -23.75 -11.76 6.97
C PRO A 11 -24.30 -11.03 8.20
N THR A 12 -23.85 -9.81 8.44
CA THR A 12 -24.20 -9.11 9.68
C THR A 12 -23.84 -7.64 9.58
N LYS A 13 -24.39 -6.83 10.48
CA LYS A 13 -23.99 -5.43 10.58
C LYS A 13 -23.12 -5.19 11.81
N SER A 14 -22.80 -6.27 12.53
CA SER A 14 -22.05 -6.13 13.78
C SER A 14 -20.56 -5.90 13.50
N SER A 15 -20.14 -6.24 12.28
CA SER A 15 -18.84 -5.85 11.76
C SER A 15 -19.06 -4.77 10.73
N ALA A 16 -18.37 -3.64 10.90
CA ALA A 16 -18.66 -2.43 10.13
C ALA A 16 -18.59 -2.61 8.60
N ARG A 17 -17.64 -3.40 8.13
CA ARG A 17 -17.38 -3.44 6.69
C ARG A 17 -18.58 -3.88 5.86
N TRP A 18 -19.39 -4.81 6.36
CA TRP A 18 -20.43 -5.40 5.52
C TRP A 18 -21.50 -4.38 5.14
N ILE A 19 -21.69 -3.36 5.99
CA ILE A 19 -22.56 -2.23 5.65
C ILE A 19 -22.00 -1.51 4.42
N ASP A 20 -20.68 -1.27 4.44
CA ASP A 20 -19.99 -0.64 3.32
C ASP A 20 -20.01 -1.53 2.07
N ASP A 21 -19.70 -2.82 2.23
CA ASP A 21 -19.75 -3.75 1.08
C ASP A 21 -21.13 -3.67 0.43
N GLY A 22 -22.17 -3.85 1.22
CA GLY A 22 -23.54 -3.77 0.75
C GLY A 22 -23.91 -2.47 0.06
N ASN A 23 -23.65 -1.34 0.73
CA ASN A 23 -23.91 -0.03 0.12
C ASN A 23 -23.18 0.13 -1.21
N ASN A 24 -21.92 -0.28 -1.24
CA ASN A 24 -21.10 -0.08 -2.43
C ASN A 24 -21.52 -1.01 -3.58
N ILE A 25 -21.84 -2.26 -3.27
CA ILE A 25 -22.29 -3.18 -4.29
C ILE A 25 -23.61 -2.69 -4.91
N VAL A 26 -24.55 -2.28 -4.08
CA VAL A 26 -25.84 -1.80 -4.58
C VAL A 26 -25.68 -0.53 -5.41
N LYS A 27 -24.87 0.40 -4.91
CA LYS A 27 -24.68 1.66 -5.60
C LYS A 27 -24.10 1.43 -6.98
N GLN A 28 -23.11 0.55 -7.08
CA GLN A 28 -22.46 0.33 -8.36
C GLN A 28 -23.33 -0.53 -9.30
N LEU A 29 -24.05 -1.49 -8.75
CA LEU A 29 -24.92 -2.33 -9.58
C LEU A 29 -26.06 -1.52 -10.20
N GLN A 30 -26.66 -0.64 -9.42
CA GLN A 30 -27.75 0.17 -9.92
C GLN A 30 -27.24 1.17 -10.94
N GLU A 31 -26.03 1.67 -10.72
CA GLU A 31 -25.40 2.55 -11.70
C GLU A 31 -25.22 1.81 -13.02
N ALA A 32 -24.93 0.51 -12.94
CA ALA A 32 -24.77 -0.33 -14.11
C ALA A 32 -26.13 -0.75 -14.71
N GLY A 33 -27.21 -0.42 -14.01
CA GLY A 33 -28.55 -0.64 -14.54
C GLY A 33 -29.29 -1.87 -14.05
N TYR A 34 -28.75 -2.53 -13.01
CA TYR A 34 -29.40 -3.71 -12.45
C TYR A 34 -30.34 -3.37 -11.30
N LYS A 35 -31.31 -4.24 -11.07
CA LYS A 35 -32.13 -4.17 -9.86
C LYS A 35 -31.41 -4.98 -8.80
N THR A 36 -31.60 -4.61 -7.54
CA THR A 36 -30.90 -5.30 -6.47
C THR A 36 -31.82 -5.69 -5.33
N ASP A 37 -31.47 -6.79 -4.66
CA ASP A 37 -32.15 -7.23 -3.46
C ASP A 37 -31.08 -7.50 -2.39
N LEU A 38 -30.86 -6.53 -1.52
CA LEU A 38 -29.81 -6.62 -0.50
C LEU A 38 -30.41 -7.03 0.85
N GLN A 39 -29.83 -8.07 1.46
CA GLN A 39 -30.33 -8.57 2.74
C GLN A 39 -29.15 -8.80 3.69
N TYR A 40 -29.38 -8.58 4.99
CA TYR A 40 -28.40 -8.85 6.04
C TYR A 40 -28.99 -9.87 7.01
N ALA A 41 -28.17 -10.79 7.49
CA ALA A 41 -28.66 -11.93 8.28
C ALA A 41 -28.50 -11.81 9.80
N ASP A 42 -27.90 -10.72 10.27
CA ASP A 42 -27.64 -10.54 11.70
C ASP A 42 -26.89 -11.75 12.27
N ASP A 43 -26.00 -12.32 11.47
CA ASP A 43 -25.16 -13.45 11.85
C ASP A 43 -25.95 -14.71 12.23
N ASP A 44 -27.18 -14.77 11.77
CA ASP A 44 -28.03 -15.94 12.02
C ASP A 44 -27.99 -16.84 10.80
N ILE A 45 -27.38 -18.02 10.96
CA ILE A 45 -27.20 -18.93 9.84
C ILE A 45 -28.52 -19.37 9.18
N PRO A 46 -29.54 -19.74 9.97
CA PRO A 46 -30.80 -20.15 9.35
C PRO A 46 -31.45 -19.01 8.54
N ASN A 47 -31.37 -17.79 9.06
CA ASN A 47 -31.96 -16.67 8.38
CA ASN A 47 -31.91 -16.61 8.42
C ASN A 47 -31.24 -16.33 7.07
N GLN A 48 -29.91 -16.43 7.06
CA GLN A 48 -29.19 -16.16 5.81
C GLN A 48 -29.61 -17.19 4.75
N LEU A 49 -29.75 -18.44 5.17
CA LEU A 49 -30.20 -19.48 4.26
C LEU A 49 -31.59 -19.13 3.73
N SER A 50 -32.48 -18.73 4.63
CA SER A 50 -33.83 -18.37 4.22
C SER A 50 -33.84 -17.21 3.24
N GLN A 51 -32.95 -16.25 3.45
CA GLN A 51 -32.85 -15.09 2.58
C GLN A 51 -32.41 -15.49 1.18
N ILE A 52 -31.42 -16.36 1.10
CA ILE A 52 -30.90 -16.77 -0.19
C ILE A 52 -31.95 -17.62 -0.91
N GLU A 53 -32.63 -18.47 -0.16
CA GLU A 53 -33.73 -19.26 -0.74
C GLU A 53 -34.75 -18.34 -1.38
N ASN A 54 -35.09 -17.26 -0.71
CA ASN A 54 -36.07 -16.35 -1.28
C ASN A 54 -35.57 -15.64 -2.53
N MET A 55 -34.28 -15.29 -2.56
CA MET A 55 -33.72 -14.70 -3.76
C MET A 55 -33.86 -15.66 -4.94
N VAL A 56 -33.62 -16.94 -4.68
CA VAL A 56 -33.73 -17.94 -5.74
C VAL A 56 -35.17 -18.06 -6.22
N THR A 57 -36.13 -18.12 -5.29
CA THR A 57 -37.55 -18.14 -5.63
C THR A 57 -37.97 -16.90 -6.42
N LYS A 58 -37.42 -15.74 -6.05
CA LYS A 58 -37.72 -14.49 -6.74
C LYS A 58 -37.19 -14.46 -8.17
N GLY A 59 -36.18 -15.29 -8.44
CA GLY A 59 -35.65 -15.40 -9.78
C GLY A 59 -34.55 -14.42 -10.11
N VAL A 60 -33.71 -14.08 -9.12
CA VAL A 60 -32.54 -13.26 -9.42
C VAL A 60 -31.68 -13.98 -10.44
N LYS A 61 -30.91 -13.21 -11.21
CA LYS A 61 -30.08 -13.76 -12.26
C LYS A 61 -28.72 -14.15 -11.72
N VAL A 62 -28.28 -13.44 -10.69
CA VAL A 62 -26.97 -13.64 -10.09
C VAL A 62 -27.10 -13.48 -8.57
N LEU A 63 -26.37 -14.32 -7.83
CA LEU A 63 -26.28 -14.20 -6.38
C LEU A 63 -24.88 -13.77 -5.99
N VAL A 64 -24.79 -12.77 -5.13
CA VAL A 64 -23.53 -12.32 -4.56
C VAL A 64 -23.64 -12.58 -3.06
N ILE A 65 -22.88 -13.55 -2.56
CA ILE A 65 -23.09 -14.06 -1.21
C ILE A 65 -21.83 -13.97 -0.35
N ALA A 66 -21.92 -13.19 0.73
CA ALA A 66 -20.91 -13.23 1.78
C ALA A 66 -21.51 -14.02 2.93
N SER A 67 -21.09 -15.26 3.05
CA SER A 67 -21.75 -16.21 3.94
C SER A 67 -21.17 -16.23 5.35
N ILE A 68 -22.05 -16.48 6.32
CA ILE A 68 -21.61 -16.76 7.69
C ILE A 68 -20.95 -18.14 7.71
N ASP A 69 -21.67 -19.16 7.22
CA ASP A 69 -21.12 -20.50 7.04
C ASP A 69 -21.58 -21.06 5.70
N GLY A 70 -20.75 -20.91 4.68
CA GLY A 70 -21.15 -21.29 3.33
C GLY A 70 -21.49 -22.74 3.14
N THR A 71 -20.99 -23.61 4.02
CA THR A 71 -21.23 -25.04 3.87
C THR A 71 -22.71 -25.36 4.06
N THR A 72 -23.44 -24.45 4.68
CA THR A 72 -24.86 -24.66 4.94
C THR A 72 -25.71 -24.36 3.71
N LEU A 73 -25.08 -23.82 2.67
CA LEU A 73 -25.80 -23.35 1.50
C LEU A 73 -25.83 -24.34 0.32
N SER A 74 -25.28 -25.53 0.52
CA SER A 74 -25.13 -26.48 -0.58
C SER A 74 -26.44 -26.74 -1.32
N ASP A 75 -27.51 -26.99 -0.58
CA ASP A 75 -28.79 -27.35 -1.18
C ASP A 75 -29.40 -26.19 -1.97
N VAL A 76 -29.35 -24.99 -1.40
CA VAL A 76 -29.95 -23.84 -2.09
C VAL A 76 -29.13 -23.45 -3.32
N LEU A 77 -27.82 -23.60 -3.25
CA LEU A 77 -26.99 -23.28 -4.40
C LEU A 77 -27.20 -24.29 -5.52
N LYS A 78 -27.51 -25.53 -5.17
CA LYS A 78 -27.85 -26.52 -6.19
C LYS A 78 -29.12 -26.09 -6.89
N GLN A 79 -30.08 -25.60 -6.13
CA GLN A 79 -31.34 -25.14 -6.71
C GLN A 79 -31.08 -23.94 -7.60
N ALA A 80 -30.20 -23.05 -7.13
CA ALA A 80 -29.80 -21.89 -7.93
C ALA A 80 -29.22 -22.31 -9.29
N GLY A 81 -28.33 -23.31 -9.27
CA GLY A 81 -27.73 -23.82 -10.48
C GLY A 81 -28.72 -24.48 -11.43
N GLU A 82 -29.68 -25.21 -10.88
CA GLU A 82 -30.74 -25.79 -11.68
C GLU A 82 -31.59 -24.74 -12.38
N GLN A 83 -31.61 -23.53 -11.81
CA GLN A 83 -32.39 -22.43 -12.40
C GLN A 83 -31.56 -21.52 -13.30
N GLY A 84 -30.26 -21.81 -13.42
CA GLY A 84 -29.39 -21.04 -14.29
C GLY A 84 -28.85 -19.78 -13.65
N ILE A 85 -28.96 -19.71 -12.32
CA ILE A 85 -28.46 -18.57 -11.56
C ILE A 85 -26.97 -18.75 -11.28
N LYS A 86 -26.17 -17.74 -11.62
CA LYS A 86 -24.74 -17.80 -11.37
C LYS A 86 -24.43 -17.30 -9.96
N VAL A 87 -23.46 -17.92 -9.31
CA VAL A 87 -23.17 -17.61 -7.91
C VAL A 87 -21.76 -17.03 -7.75
N ILE A 88 -21.69 -15.83 -7.20
CA ILE A 88 -20.41 -15.23 -6.86
C ILE A 88 -20.23 -15.26 -5.36
N ALA A 89 -19.19 -15.95 -4.88
CA ALA A 89 -18.85 -15.89 -3.47
C ALA A 89 -18.15 -14.57 -3.22
N TYR A 90 -18.67 -13.80 -2.28
CA TYR A 90 -18.15 -12.46 -1.99
C TYR A 90 -17.33 -12.47 -0.71
N ASP A 91 -16.04 -12.16 -0.86
CA ASP A 91 -15.06 -12.05 0.23
C ASP A 91 -14.64 -13.38 0.89
N ARG A 92 -15.63 -14.13 1.36
CA ARG A 92 -15.41 -15.44 1.95
C ARG A 92 -15.75 -16.53 0.94
N LEU A 93 -14.87 -17.50 0.80
CA LEU A 93 -15.16 -18.62 -0.10
C LEU A 93 -16.32 -19.46 0.43
N ILE A 94 -17.22 -19.86 -0.47
CA ILE A 94 -18.25 -20.85 -0.14
C ILE A 94 -17.72 -22.25 -0.42
N ARG A 95 -17.68 -23.08 0.62
CA ARG A 95 -17.12 -24.43 0.50
C ARG A 95 -18.20 -25.47 0.24
N ASN A 96 -17.77 -26.65 -0.22
CA ASN A 96 -18.64 -27.81 -0.36
C ASN A 96 -19.70 -27.68 -1.44
N SER A 97 -19.46 -26.86 -2.46
CA SER A 97 -20.45 -26.68 -3.52
C SER A 97 -19.86 -26.50 -4.90
N GLY A 98 -20.30 -27.33 -5.84
CA GLY A 98 -19.86 -27.22 -7.21
C GLY A 98 -20.56 -26.09 -7.93
N ASP A 99 -21.51 -25.45 -7.25
CA ASP A 99 -22.34 -24.43 -7.89
C ASP A 99 -21.83 -23.00 -7.65
N VAL A 100 -20.65 -22.89 -7.07
CA VAL A 100 -20.01 -21.59 -6.93
C VAL A 100 -19.21 -21.28 -8.20
N SER A 101 -19.58 -20.21 -8.88
CA SER A 101 -19.00 -19.92 -10.20
C SER A 101 -17.71 -19.10 -10.12
N TYR A 102 -17.72 -18.07 -9.30
CA TYR A 102 -16.58 -17.17 -9.15
C TYR A 102 -16.44 -16.70 -7.72
N TYR A 103 -15.27 -16.16 -7.40
CA TYR A 103 -14.94 -15.74 -6.05
C TYR A 103 -14.19 -14.42 -6.14
N ALA A 104 -14.74 -13.38 -5.50
CA ALA A 104 -14.13 -12.07 -5.51
C ALA A 104 -13.68 -11.76 -4.09
N THR A 105 -12.41 -11.45 -3.92
CA THR A 105 -11.91 -11.27 -2.58
C THR A 105 -10.63 -10.43 -2.54
N PHE A 106 -10.11 -10.21 -1.34
CA PHE A 106 -8.75 -9.70 -1.20
C PHE A 106 -7.78 -10.85 -1.06
N ASP A 107 -6.50 -10.59 -1.29
CA ASP A 107 -5.49 -11.64 -1.19
C ASP A 107 -5.35 -11.98 0.29
N ASN A 108 -6.09 -13.00 0.73
CA ASN A 108 -6.21 -13.30 2.15
C ASN A 108 -4.92 -13.82 2.78
N PHE A 109 -4.15 -14.59 2.02
CA PHE A 109 -2.85 -15.02 2.52
C PHE A 109 -1.99 -13.78 2.78
N GLN A 110 -1.99 -12.87 1.82
CA GLN A 110 -1.17 -11.66 1.92
C GLN A 110 -1.60 -10.78 3.10
N VAL A 111 -2.90 -10.75 3.39
CA VAL A 111 -3.39 -10.04 4.57
C VAL A 111 -2.65 -10.53 5.81
N GLY A 112 -2.53 -11.85 5.93
CA GLY A 112 -1.82 -12.46 7.04
C GLY A 112 -0.33 -12.10 7.06
N VAL A 113 0.32 -12.20 5.90
CA VAL A 113 1.71 -11.75 5.76
C VAL A 113 1.87 -10.32 6.29
N LEU A 114 0.97 -9.44 5.88
CA LEU A 114 1.06 -8.03 6.28
C LEU A 114 0.89 -7.83 7.79
N GLN A 115 -0.04 -8.55 8.38
CA GLN A 115 -0.29 -8.42 9.82
C GLN A 115 0.95 -8.85 10.60
N ALA A 116 1.50 -10.00 10.23
CA ALA A 116 2.68 -10.51 10.90
C ALA A 116 3.89 -9.60 10.67
N THR A 117 4.04 -9.11 9.46
CA THR A 117 5.17 -8.24 9.11
C THR A 117 5.14 -6.93 9.88
N SER A 118 3.95 -6.37 10.10
CA SER A 118 3.86 -5.15 10.89
C SER A 118 4.43 -5.41 12.29
N ILE A 119 4.10 -6.57 12.86
CA ILE A 119 4.61 -6.94 14.17
C ILE A 119 6.11 -7.21 14.19
N THR A 120 6.60 -8.03 13.26
CA THR A 120 8.02 -8.36 13.25
C THR A 120 8.89 -7.14 12.96
N ASP A 121 8.42 -6.27 12.07
CA ASP A 121 9.13 -5.03 11.78
C ASP A 121 9.20 -4.13 13.02
N LYS A 122 8.08 -3.98 13.71
CA LYS A 122 8.02 -3.14 14.91
C LYS A 122 8.92 -3.68 16.02
N LEU A 123 8.96 -4.99 16.19
CA LEU A 123 9.82 -5.62 17.20
C LEU A 123 11.30 -5.59 16.85
N GLY A 124 11.61 -5.33 15.58
CA GLY A 124 13.00 -5.27 15.14
C GLY A 124 13.67 -6.63 14.98
N LEU A 125 12.87 -7.64 14.65
CA LEU A 125 13.39 -9.01 14.55
C LEU A 125 14.40 -9.17 13.42
N LYS A 126 14.37 -8.26 12.45
CA LYS A 126 15.32 -8.31 11.35
C LYS A 126 16.66 -7.74 11.80
N ASP A 127 16.63 -7.02 12.92
CA ASP A 127 17.85 -6.44 13.49
C ASP A 127 18.41 -7.35 14.58
N GLY A 128 17.92 -8.58 14.63
CA GLY A 128 18.41 -9.56 15.58
C GLY A 128 17.85 -9.37 16.98
N LYS A 129 16.82 -8.52 17.08
CA LYS A 129 16.14 -8.29 18.35
C LYS A 129 15.46 -9.58 18.82
N GLY A 130 15.33 -9.74 20.13
CA GLY A 130 14.67 -10.91 20.68
C GLY A 130 15.36 -11.43 21.93
N PRO A 131 14.68 -12.32 22.67
CA PRO A 131 13.38 -12.86 22.29
C PRO A 131 12.22 -12.02 22.79
N PHE A 132 11.04 -12.26 22.24
CA PHE A 132 9.81 -11.59 22.63
C PHE A 132 8.70 -12.62 22.77
N ASN A 133 7.75 -12.36 23.67
CA ASN A 133 6.57 -13.21 23.82
C ASN A 133 5.42 -12.74 22.94
N ILE A 134 4.77 -13.68 22.28
CA ILE A 134 3.66 -13.35 21.41
C ILE A 134 2.53 -14.35 21.61
N GLU A 135 1.30 -13.88 21.49
CA GLU A 135 0.15 -14.77 21.49
C GLU A 135 -0.61 -14.61 20.19
N LEU A 136 -1.29 -15.68 19.78
CA LEU A 136 -1.91 -15.73 18.46
C LEU A 136 -3.42 -15.85 18.54
N PHE A 137 -4.12 -15.10 17.70
CA PHE A 137 -5.56 -15.22 17.56
C PHE A 137 -5.92 -15.52 16.12
N GLY A 138 -6.98 -16.30 15.93
CA GLY A 138 -7.49 -16.58 14.59
C GLY A 138 -8.96 -16.21 14.48
N GLY A 139 -9.47 -16.18 13.26
CA GLY A 139 -10.86 -15.84 13.01
C GLY A 139 -11.81 -17.00 13.25
N SER A 140 -13.02 -16.90 12.73
CA SER A 140 -13.99 -17.97 12.92
C SER A 140 -13.61 -19.19 12.08
N PRO A 141 -13.67 -20.38 12.68
CA PRO A 141 -13.28 -21.59 11.94
C PRO A 141 -14.23 -21.95 10.80
N ASP A 142 -15.43 -21.37 10.78
CA ASP A 142 -16.34 -21.58 9.65
C ASP A 142 -16.21 -20.49 8.60
N ASP A 143 -15.17 -19.66 8.75
CA ASP A 143 -14.81 -18.65 7.76
C ASP A 143 -13.53 -19.12 7.05
N ASN A 144 -13.64 -19.51 5.78
CA ASN A 144 -12.47 -20.00 5.02
C ASN A 144 -11.30 -18.99 5.06
N ASN A 145 -11.62 -17.69 5.07
CA ASN A 145 -10.60 -16.64 5.15
C ASN A 145 -9.69 -16.76 6.37
N ALA A 146 -10.25 -17.23 7.48
CA ALA A 146 -9.50 -17.27 8.73
C ALA A 146 -8.25 -18.14 8.63
N PHE A 147 -8.34 -19.21 7.84
CA PHE A 147 -7.22 -20.11 7.70
C PHE A 147 -6.12 -19.47 6.87
N PHE A 148 -6.52 -18.67 5.89
CA PHE A 148 -5.55 -17.94 5.08
C PHE A 148 -4.87 -16.82 5.86
N PHE A 149 -5.65 -16.05 6.64
CA PHE A 149 -5.04 -15.01 7.46
C PHE A 149 -3.99 -15.64 8.37
N TYR A 150 -4.34 -16.74 9.01
CA TYR A 150 -3.46 -17.38 9.97
C TYR A 150 -2.22 -17.95 9.27
N ASP A 151 -2.44 -18.68 8.18
CA ASP A 151 -1.34 -19.30 7.44
C ASP A 151 -0.37 -18.24 6.90
N GLY A 152 -0.92 -17.17 6.32
CA GLY A 152 -0.09 -16.09 5.82
C GLY A 152 0.77 -15.50 6.93
N ALA A 153 0.17 -15.31 8.10
CA ALA A 153 0.90 -14.79 9.24
C ALA A 153 2.00 -15.74 9.67
N MET A 154 1.70 -17.03 9.76
CA MET A 154 2.68 -17.98 10.25
C MET A 154 3.83 -18.17 9.26
N SER A 155 3.61 -17.83 7.99
CA SER A 155 4.69 -17.92 7.01
C SER A 155 5.81 -16.95 7.39
N VAL A 156 5.42 -15.88 8.08
CA VAL A 156 6.37 -14.89 8.57
C VAL A 156 6.84 -15.19 9.99
N LEU A 157 5.93 -15.60 10.86
CA LEU A 157 6.25 -15.75 12.28
C LEU A 157 6.99 -17.04 12.63
N LYS A 158 6.64 -18.12 11.92
CA LYS A 158 7.13 -19.46 12.25
C LYS A 158 8.65 -19.57 12.34
N PRO A 159 9.37 -18.97 11.36
CA PRO A 159 10.83 -19.06 11.42
C PRO A 159 11.40 -18.45 12.70
N TYR A 160 10.77 -17.39 13.19
CA TYR A 160 11.22 -16.75 14.43
C TYR A 160 10.83 -17.57 15.66
N ILE A 161 9.66 -18.17 15.61
CA ILE A 161 9.23 -19.09 16.66
C ILE A 161 10.15 -20.31 16.68
N ASP A 162 10.50 -20.81 15.50
CA ASP A 162 11.45 -21.92 15.38
C ASP A 162 12.81 -21.58 15.99
N SER A 163 13.28 -20.35 15.74
CA SER A 163 14.61 -19.94 16.18
C SER A 163 14.63 -19.46 17.63
N GLY A 164 13.45 -19.28 18.23
CA GLY A 164 13.36 -18.87 19.62
C GLY A 164 13.26 -17.37 19.85
N LYS A 165 13.38 -16.59 18.78
CA LYS A 165 13.28 -15.14 18.86
C LYS A 165 11.86 -14.68 19.16
N LEU A 166 10.89 -15.52 18.81
CA LEU A 166 9.51 -15.32 19.23
C LEU A 166 9.13 -16.52 20.07
N VAL A 167 8.40 -16.29 21.16
CA VAL A 167 7.98 -17.36 22.03
C VAL A 167 6.49 -17.25 22.30
N VAL A 168 5.73 -18.29 21.95
CA VAL A 168 4.33 -18.33 22.31
C VAL A 168 4.24 -18.97 23.68
N LYS A 169 4.17 -18.15 24.72
CA LYS A 169 4.31 -18.64 26.08
C LYS A 169 3.20 -19.64 26.49
N SER A 170 1.98 -19.37 26.04
CA SER A 170 0.86 -20.26 26.33
C SER A 170 0.96 -21.59 25.57
N GLY A 171 1.85 -21.62 24.59
CA GLY A 171 1.99 -22.79 23.74
C GLY A 171 0.81 -23.03 22.81
N GLN A 172 -0.16 -22.12 22.80
CA GLN A 172 -1.36 -22.31 21.98
C GLN A 172 -1.16 -21.88 20.52
N MET A 173 -1.24 -22.84 19.60
CA MET A 173 -1.12 -22.52 18.17
C MET A 173 -2.06 -23.39 17.37
N GLY A 174 -2.40 -22.95 16.16
CA GLY A 174 -3.28 -23.70 15.29
C GLY A 174 -4.71 -23.20 15.39
N MET A 175 -5.43 -23.21 14.26
CA MET A 175 -6.79 -22.68 14.22
C MET A 175 -7.75 -23.37 15.20
N ASP A 176 -7.53 -24.64 15.48
CA ASP A 176 -8.37 -25.37 16.42
C ASP A 176 -8.19 -24.87 17.85
N LYS A 177 -7.07 -24.19 18.11
CA LYS A 177 -6.80 -23.68 19.45
C LYS A 177 -6.92 -22.16 19.56
N VAL A 178 -6.68 -21.44 18.47
CA VAL A 178 -6.67 -19.98 18.53
C VAL A 178 -7.86 -19.33 17.81
N GLY A 179 -8.69 -20.15 17.17
CA GLY A 179 -9.83 -19.61 16.44
C GLY A 179 -10.82 -18.92 17.37
N THR A 180 -11.53 -17.92 16.84
CA THR A 180 -12.49 -17.15 17.62
C THR A 180 -13.84 -17.22 16.92
N LEU A 181 -14.73 -18.05 17.45
CA LEU A 181 -15.99 -18.34 16.78
C LEU A 181 -16.80 -17.06 16.55
N ARG A 182 -17.33 -16.91 15.34
CA ARG A 182 -18.16 -15.77 14.97
C ARG A 182 -17.40 -14.44 15.10
N TRP A 183 -16.08 -14.51 15.10
CA TRP A 183 -15.25 -13.31 15.22
C TRP A 183 -15.72 -12.42 16.37
N ASP A 184 -16.12 -13.04 17.48
CA ASP A 184 -16.71 -12.31 18.61
C ASP A 184 -15.67 -11.64 19.51
N PRO A 185 -15.70 -10.31 19.61
CA PRO A 185 -14.73 -9.58 20.45
C PRO A 185 -14.77 -9.97 21.94
N ALA A 186 -15.96 -10.22 22.46
CA ALA A 186 -16.10 -10.61 23.87
C ALA A 186 -15.33 -11.91 24.15
N THR A 187 -15.41 -12.83 23.20
CA THR A 187 -14.75 -14.11 23.33
C THR A 187 -13.23 -13.94 23.35
N ALA A 188 -12.73 -13.08 22.45
CA ALA A 188 -11.30 -12.86 22.35
C ALA A 188 -10.80 -12.18 23.61
N GLN A 189 -11.61 -11.26 24.12
CA GLN A 189 -11.25 -10.53 25.34
C GLN A 189 -11.10 -11.50 26.51
N ALA A 190 -12.03 -12.44 26.63
CA ALA A 190 -11.99 -13.44 27.69
C ALA A 190 -10.77 -14.34 27.54
N ARG A 191 -10.51 -14.81 26.32
CA ARG A 191 -9.35 -15.64 26.09
C ARG A 191 -8.07 -14.90 26.47
N MET A 192 -7.97 -13.64 26.07
CA MET A 192 -6.81 -12.83 26.43
C MET A 192 -6.70 -12.70 27.95
N ASP A 193 -7.84 -12.50 28.61
CA ASP A 193 -7.87 -12.45 30.08
C ASP A 193 -7.20 -13.68 30.67
N ASN A 194 -7.56 -14.85 30.15
CA ASN A 194 -7.12 -16.11 30.73
C ASN A 194 -5.70 -16.49 30.31
N LEU A 195 -5.26 -16.01 29.16
CA LEU A 195 -3.87 -16.17 28.77
C LEU A 195 -2.99 -15.39 29.73
N LEU A 196 -3.43 -14.17 30.07
CA LEU A 196 -2.66 -13.30 30.95
C LEU A 196 -2.51 -13.89 32.34
N SER A 197 -3.62 -14.38 32.89
CA SER A 197 -3.59 -14.92 34.24
C SER A 197 -2.81 -16.24 34.33
N ALA A 198 -2.83 -17.02 33.26
CA ALA A 198 -2.18 -18.33 33.28
C ALA A 198 -0.68 -18.25 32.98
N TYR A 199 -0.31 -17.39 32.05
CA TYR A 199 1.05 -17.41 31.50
C TYR A 199 1.82 -16.11 31.65
N TYR A 200 1.14 -15.03 32.01
CA TYR A 200 1.80 -13.73 32.05
C TYR A 200 1.70 -13.02 33.41
N THR A 201 1.78 -13.80 34.48
CA THR A 201 1.83 -13.28 35.83
C THR A 201 3.22 -12.73 36.14
N ASP A 202 4.23 -13.32 35.51
CA ASP A 202 5.62 -12.88 35.70
C ASP A 202 6.18 -12.27 34.42
N ALA A 203 5.90 -12.92 33.31
CA ALA A 203 6.39 -12.44 32.01
C ALA A 203 5.45 -11.39 31.42
N LYS A 204 5.92 -10.72 30.38
CA LYS A 204 5.12 -9.72 29.68
C LYS A 204 4.79 -10.18 28.28
N VAL A 205 3.64 -9.74 27.78
CA VAL A 205 3.28 -9.94 26.38
C VAL A 205 3.91 -8.81 25.57
N ASP A 206 4.62 -9.17 24.50
CA ASP A 206 5.28 -8.17 23.65
C ASP A 206 4.51 -7.88 22.37
N ALA A 207 3.76 -8.87 21.90
CA ALA A 207 2.95 -8.73 20.71
C ALA A 207 1.75 -9.66 20.72
N VAL A 208 0.70 -9.29 20.00
CA VAL A 208 -0.44 -10.17 19.82
C VAL A 208 -0.86 -10.11 18.36
N LEU A 209 -0.84 -11.25 17.70
CA LEU A 209 -1.38 -11.34 16.35
C LEU A 209 -2.89 -11.36 16.44
N SER A 210 -3.51 -10.25 16.09
CA SER A 210 -4.96 -10.16 15.98
C SER A 210 -5.34 -10.04 14.51
N PRO A 211 -6.21 -10.94 14.05
CA PRO A 211 -6.63 -10.99 12.64
C PRO A 211 -7.79 -10.05 12.30
N TYR A 212 -8.34 -9.34 13.28
CA TYR A 212 -9.50 -8.47 13.01
C TYR A 212 -9.64 -7.36 14.06
N ASP A 213 -9.97 -6.16 13.59
CA ASP A 213 -10.08 -4.97 14.44
C ASP A 213 -11.00 -5.17 15.64
N GLY A 214 -12.15 -5.80 15.41
CA GLY A 214 -13.07 -6.07 16.50
C GLY A 214 -12.38 -6.82 17.63
N LEU A 215 -11.59 -7.83 17.28
CA LEU A 215 -10.84 -8.60 18.25
C LEU A 215 -9.74 -7.76 18.90
N SER A 216 -9.05 -6.96 18.09
CA SER A 216 -7.94 -6.17 18.60
C SER A 216 -8.41 -5.25 19.75
N ILE A 217 -9.59 -4.66 19.59
CA ILE A 217 -10.11 -3.77 20.62
C ILE A 217 -10.37 -4.54 21.92
N GLY A 218 -10.95 -5.74 21.80
CA GLY A 218 -11.19 -6.57 22.98
C GLY A 218 -9.89 -6.99 23.66
N ILE A 219 -8.92 -7.39 22.84
CA ILE A 219 -7.60 -7.78 23.32
C ILE A 219 -6.93 -6.63 24.08
N ILE A 220 -6.97 -5.44 23.50
CA ILE A 220 -6.41 -4.26 24.16
C ILE A 220 -7.11 -3.97 25.50
N SER A 221 -8.43 -4.12 25.55
CA SER A 221 -9.17 -3.92 26.80
CA SER A 221 -9.16 -3.91 26.80
C SER A 221 -8.67 -4.88 27.89
N SER A 222 -8.52 -6.14 27.53
CA SER A 222 -8.00 -7.14 28.45
C SER A 222 -6.62 -6.74 28.95
N LEU A 223 -5.76 -6.29 28.04
CA LEU A 223 -4.39 -5.92 28.40
C LEU A 223 -4.36 -4.71 29.34
N LYS A 224 -5.25 -3.75 29.10
CA LYS A 224 -5.35 -2.60 29.98
C LYS A 224 -5.88 -3.00 31.34
N GLY A 225 -6.66 -4.07 31.37
CA GLY A 225 -7.25 -4.53 32.62
C GLY A 225 -6.21 -5.02 33.60
N VAL A 226 -5.04 -5.38 33.10
CA VAL A 226 -3.99 -5.91 33.95
C VAL A 226 -2.78 -4.99 34.03
N GLY A 227 -2.93 -3.76 33.54
CA GLY A 227 -1.91 -2.74 33.76
C GLY A 227 -1.13 -2.30 32.54
N TYR A 228 -1.38 -2.90 31.38
CA TYR A 228 -0.72 -2.45 30.16
C TYR A 228 -1.33 -1.13 29.71
N GLY A 229 -0.58 -0.38 28.92
CA GLY A 229 -1.08 0.88 28.40
C GLY A 229 -0.87 2.01 29.38
N THR A 230 0.11 1.87 30.26
CA THR A 230 0.54 2.96 31.12
C THR A 230 1.91 3.40 30.62
N LYS A 231 2.44 4.48 31.18
CA LYS A 231 3.75 4.95 30.74
C LYS A 231 4.83 3.92 31.08
N ASP A 232 4.73 3.30 32.25
CA ASP A 232 5.71 2.32 32.72
C ASP A 232 5.58 0.99 31.99
N GLN A 233 4.37 0.68 31.54
CA GLN A 233 4.10 -0.62 30.92
C GLN A 233 3.28 -0.47 29.64
N PRO A 234 3.96 -0.26 28.51
CA PRO A 234 3.33 0.03 27.23
C PRO A 234 2.59 -1.18 26.69
N LEU A 235 1.55 -0.95 25.91
CA LEU A 235 0.83 -2.04 25.27
C LEU A 235 1.76 -2.83 24.35
N PRO A 236 1.50 -4.14 24.22
CA PRO A 236 2.24 -4.92 23.23
C PRO A 236 1.83 -4.48 21.84
N VAL A 237 2.56 -4.95 20.83
CA VAL A 237 2.25 -4.61 19.45
C VAL A 237 1.06 -5.48 19.01
N VAL A 238 -0.03 -4.83 18.63
CA VAL A 238 -1.24 -5.54 18.26
C VAL A 238 -1.68 -5.19 16.85
N SER A 239 -1.89 -6.21 16.02
CA SER A 239 -2.30 -6.00 14.62
C SER A 239 -3.82 -5.91 14.49
N GLY A 240 -4.32 -5.93 13.26
CA GLY A 240 -5.76 -5.88 13.05
C GLY A 240 -6.16 -6.06 11.60
N GLN A 241 -7.43 -5.80 11.31
CA GLN A 241 -7.94 -5.83 9.94
C GLN A 241 -9.29 -5.12 9.82
N ASP A 242 -9.45 -4.37 8.73
CA ASP A 242 -10.71 -3.72 8.31
C ASP A 242 -10.70 -2.20 8.42
N ALA A 243 -9.74 -1.66 9.18
CA ALA A 243 -9.69 -0.21 9.40
C ALA A 243 -11.02 0.34 9.93
N GLU A 244 -11.62 -0.37 10.88
CA GLU A 244 -12.82 0.13 11.54
C GLU A 244 -12.53 1.41 12.31
N VAL A 245 -13.48 2.34 12.33
CA VAL A 245 -13.23 3.63 12.97
C VAL A 245 -12.66 3.55 14.40
N PRO A 246 -13.26 2.71 15.27
CA PRO A 246 -12.71 2.60 16.63
C PRO A 246 -11.26 2.15 16.66
N SER A 247 -10.87 1.23 15.78
CA SER A 247 -9.47 0.78 15.70
C SER A 247 -8.58 1.86 15.11
N VAL A 248 -9.09 2.62 14.16
CA VAL A 248 -8.26 3.68 13.57
C VAL A 248 -8.00 4.75 14.62
N LYS A 249 -9.02 5.06 15.41
CA LYS A 249 -8.84 6.00 16.51
C LYS A 249 -7.82 5.46 17.52
N SER A 250 -7.88 4.16 17.79
CA SER A 250 -6.92 3.50 18.69
C SER A 250 -5.49 3.63 18.14
N ILE A 251 -5.34 3.40 16.84
CA ILE A 251 -4.04 3.53 16.18
C ILE A 251 -3.52 4.96 16.28
N ILE A 252 -4.39 5.94 16.00
CA ILE A 252 -4.00 7.34 16.10
C ILE A 252 -3.55 7.68 17.53
N ALA A 253 -4.24 7.11 18.50
CA ALA A 253 -3.96 7.37 19.93
C ALA A 253 -2.69 6.67 20.41
N GLY A 254 -2.11 5.83 19.55
CA GLY A 254 -0.91 5.12 19.93
C GLY A 254 -1.21 3.88 20.76
N GLU A 255 -2.37 3.28 20.55
CA GLU A 255 -2.72 2.04 21.25
C GLU A 255 -2.60 0.84 20.32
N GLN A 256 -3.67 0.48 19.62
CA GLN A 256 -3.55 -0.54 18.57
C GLN A 256 -2.43 -0.12 17.62
N TYR A 257 -1.60 -1.07 17.18
CA TYR A 257 -0.45 -0.72 16.34
C TYR A 257 -0.78 -0.62 14.86
N SER A 258 -1.48 -1.62 14.34
CA SER A 258 -1.71 -1.64 12.89
C SER A 258 -3.07 -2.22 12.53
N THR A 259 -3.49 -1.97 11.30
CA THR A 259 -4.67 -2.63 10.76
C THR A 259 -4.41 -2.89 9.27
N ILE A 260 -5.39 -3.47 8.59
CA ILE A 260 -5.28 -3.72 7.17
C ILE A 260 -6.48 -3.07 6.51
N PHE A 261 -6.22 -2.22 5.53
CA PHE A 261 -7.27 -1.54 4.80
C PHE A 261 -7.66 -2.36 3.57
N LYS A 262 -8.92 -2.74 3.51
CA LYS A 262 -9.47 -3.46 2.38
C LYS A 262 -10.62 -2.63 1.83
N ASP A 263 -10.34 -1.93 0.73
CA ASP A 263 -11.27 -0.96 0.16
C ASP A 263 -12.50 -1.66 -0.43
N THR A 264 -13.62 -1.64 0.30
CA THR A 264 -14.83 -2.33 -0.17
C THR A 264 -15.36 -1.75 -1.47
N ARG A 265 -15.00 -0.51 -1.77
CA ARG A 265 -15.37 0.11 -3.03
C ARG A 265 -14.71 -0.64 -4.19
N GLU A 266 -13.47 -1.09 -3.98
CA GLU A 266 -12.75 -1.82 -5.01
C GLU A 266 -13.31 -3.23 -5.19
N LEU A 267 -13.72 -3.85 -4.09
CA LEU A 267 -14.28 -5.19 -4.15
C LEU A 267 -15.66 -5.16 -4.79
N ALA A 268 -16.42 -4.10 -4.53
CA ALA A 268 -17.71 -3.94 -5.19
C ALA A 268 -17.51 -3.82 -6.70
N LYS A 269 -16.50 -3.07 -7.10
CA LYS A 269 -16.22 -2.85 -8.52
C LYS A 269 -15.87 -4.17 -9.21
N VAL A 270 -15.06 -4.99 -8.56
CA VAL A 270 -14.73 -6.31 -9.11
C VAL A 270 -16.01 -7.12 -9.28
N THR A 271 -16.85 -7.09 -8.25
CA THR A 271 -18.11 -7.83 -8.28
C THR A 271 -19.00 -7.37 -9.44
N VAL A 272 -19.07 -6.06 -9.67
CA VAL A 272 -19.87 -5.55 -10.78
C VAL A 272 -19.30 -6.00 -12.14
N ASN A 273 -17.97 -6.00 -12.26
CA ASN A 273 -17.33 -6.50 -13.46
C ASN A 273 -17.76 -7.95 -13.73
N MET A 274 -17.79 -8.74 -12.67
CA MET A 274 -18.18 -10.15 -12.78
C MET A 274 -19.63 -10.29 -13.20
N VAL A 275 -20.50 -9.51 -12.56
CA VAL A 275 -21.92 -9.52 -12.91
C VAL A 275 -22.11 -9.11 -14.36
N ASN A 276 -21.47 -8.01 -14.75
CA ASN A 276 -21.54 -7.55 -16.14
C ASN A 276 -21.16 -8.66 -17.12
N ALA A 277 -20.07 -9.37 -16.81
CA ALA A 277 -19.58 -10.41 -17.70
C ALA A 277 -20.62 -11.52 -17.86
N VAL A 278 -21.06 -12.07 -16.73
CA VAL A 278 -22.09 -13.10 -16.72
C VAL A 278 -23.33 -12.69 -17.51
N MET A 279 -23.79 -11.47 -17.30
CA MET A 279 -25.00 -10.98 -17.96
C MET A 279 -24.80 -10.80 -19.46
N GLU A 280 -23.58 -10.46 -19.86
CA GLU A 280 -23.26 -10.27 -21.27
C GLU A 280 -22.87 -11.60 -21.92
N GLY A 281 -22.69 -12.62 -21.10
CA GLY A 281 -22.33 -13.94 -21.59
C GLY A 281 -20.85 -14.07 -21.87
N LYS A 282 -20.04 -13.30 -21.16
CA LYS A 282 -18.59 -13.34 -21.29
C LYS A 282 -17.94 -13.95 -20.05
N GLU A 283 -16.67 -14.27 -20.16
CA GLU A 283 -15.92 -14.77 -19.01
C GLU A 283 -15.41 -13.60 -18.17
N PRO A 284 -15.71 -13.63 -16.86
CA PRO A 284 -15.19 -12.64 -15.92
C PRO A 284 -13.67 -12.68 -15.84
N GLU A 285 -13.06 -11.53 -15.56
CA GLU A 285 -11.62 -11.47 -15.32
C GLU A 285 -11.30 -12.16 -14.00
N VAL A 286 -10.35 -13.08 -14.03
CA VAL A 286 -9.87 -13.72 -12.81
C VAL A 286 -8.35 -13.72 -12.83
N ASN A 287 -7.72 -13.64 -11.66
CA ASN A 287 -6.27 -13.63 -11.60
C ASN A 287 -5.70 -14.76 -10.72
N ASP A 288 -6.57 -15.64 -10.26
CA ASP A 288 -6.12 -16.81 -9.51
C ASP A 288 -7.05 -18.02 -9.71
N THR A 289 -6.57 -19.03 -10.41
CA THR A 289 -7.39 -20.20 -10.68
C THR A 289 -6.84 -21.44 -9.99
N LYS A 290 -5.95 -21.25 -9.02
CA LYS A 290 -5.27 -22.39 -8.40
C LYS A 290 -5.45 -22.47 -6.89
N THR A 291 -5.65 -21.33 -6.24
CA THR A 291 -5.54 -21.27 -4.78
C THR A 291 -6.78 -21.76 -4.04
N TYR A 292 -7.94 -21.28 -4.48
CA TYR A 292 -9.13 -21.43 -3.65
C TYR A 292 -9.96 -22.68 -3.88
N GLU A 293 -9.37 -23.81 -3.52
CA GLU A 293 -10.06 -25.09 -3.48
C GLU A 293 -11.15 -25.00 -2.44
N ASN A 294 -12.33 -25.51 -2.77
CA ASN A 294 -13.47 -25.36 -1.87
C ASN A 294 -14.04 -26.70 -1.40
N GLY A 295 -13.36 -27.78 -1.74
CA GLY A 295 -13.78 -29.12 -1.36
C GLY A 295 -14.41 -29.92 -2.50
N VAL A 296 -14.94 -29.20 -3.48
CA VAL A 296 -15.49 -29.84 -4.68
C VAL A 296 -14.68 -29.44 -5.90
N LYS A 297 -14.21 -28.19 -5.92
CA LYS A 297 -13.41 -27.68 -7.02
C LYS A 297 -12.61 -26.44 -6.62
N VAL A 298 -11.69 -26.02 -7.48
CA VAL A 298 -11.01 -24.75 -7.30
C VAL A 298 -11.81 -23.64 -7.98
N VAL A 299 -12.35 -22.73 -7.18
CA VAL A 299 -13.17 -21.65 -7.71
C VAL A 299 -12.29 -20.58 -8.36
N PRO A 300 -12.56 -20.24 -9.63
CA PRO A 300 -11.77 -19.17 -10.27
C PRO A 300 -12.02 -17.86 -9.51
N SER A 301 -10.95 -17.14 -9.22
CA SER A 301 -11.01 -16.03 -8.28
C SER A 301 -10.33 -14.78 -8.81
N TYR A 302 -10.81 -13.62 -8.34
CA TYR A 302 -10.07 -12.40 -8.54
C TYR A 302 -9.70 -11.83 -7.18
N LEU A 303 -8.40 -11.61 -6.96
CA LEU A 303 -7.87 -11.13 -5.69
C LEU A 303 -7.40 -9.68 -5.79
N LEU A 304 -7.84 -8.86 -4.84
CA LEU A 304 -7.38 -7.48 -4.72
C LEU A 304 -6.28 -7.40 -3.66
N LYS A 305 -5.34 -6.46 -3.84
CA LYS A 305 -4.23 -6.33 -2.90
C LYS A 305 -4.58 -5.43 -1.72
N PRO A 306 -4.37 -5.91 -0.49
CA PRO A 306 -4.65 -5.16 0.73
C PRO A 306 -3.54 -4.16 1.05
N VAL A 307 -3.82 -3.22 1.95
CA VAL A 307 -2.85 -2.19 2.33
C VAL A 307 -2.70 -2.11 3.84
N ALA A 308 -1.48 -2.25 4.34
CA ALA A 308 -1.22 -2.13 5.78
C ALA A 308 -1.33 -0.67 6.24
N VAL A 309 -2.00 -0.45 7.35
CA VAL A 309 -2.15 0.91 7.90
C VAL A 309 -1.59 1.00 9.32
N THR A 310 -0.85 2.08 9.57
CA THR A 310 -0.39 2.39 10.92
C THR A 310 -0.65 3.86 11.21
N LYS A 311 -0.20 4.30 12.38
CA LYS A 311 -0.31 5.70 12.77
C LYS A 311 0.44 6.59 11.78
N GLU A 312 1.41 6.02 11.08
CA GLU A 312 2.24 6.79 10.16
C GLU A 312 1.54 7.14 8.84
N ASN A 313 0.64 6.29 8.40
CA ASN A 313 0.05 6.50 7.08
C ASN A 313 -1.48 6.56 7.02
N TYR A 314 -2.15 6.64 8.16
CA TYR A 314 -3.61 6.56 8.15
C TYR A 314 -4.23 7.70 7.32
N LYS A 315 -3.66 8.89 7.38
CA LYS A 315 -4.24 10.00 6.64
C LYS A 315 -4.24 9.76 5.14
N GLN A 316 -3.06 9.42 4.61
CA GLN A 316 -2.90 9.20 3.18
C GLN A 316 -3.73 8.03 2.66
N VAL A 317 -3.78 6.95 3.43
CA VAL A 317 -4.48 5.76 2.99
C VAL A 317 -6.00 5.86 3.16
N LEU A 318 -6.45 6.34 4.32
CA LEU A 318 -7.87 6.30 4.66
C LEU A 318 -8.66 7.57 4.39
N VAL A 319 -8.00 8.73 4.47
CA VAL A 319 -8.71 10.00 4.35
C VAL A 319 -8.53 10.63 2.98
N ASP A 320 -7.29 10.67 2.51
CA ASP A 320 -7.01 11.28 1.21
C ASP A 320 -7.73 10.55 0.07
N GLY A 321 -7.93 9.25 0.24
CA GLY A 321 -8.61 8.44 -0.76
C GLY A 321 -10.12 8.39 -0.56
N GLY A 322 -10.59 9.11 0.44
CA GLY A 322 -12.02 9.31 0.64
C GLY A 322 -12.80 8.23 1.37
N TYR A 323 -12.11 7.22 1.89
CA TYR A 323 -12.83 6.16 2.60
C TYR A 323 -13.53 6.72 3.83
N TYR A 324 -12.82 7.58 4.56
CA TYR A 324 -13.39 8.30 5.69
C TYR A 324 -13.13 9.79 5.52
N LYS A 325 -13.98 10.61 6.14
CA LYS A 325 -13.71 12.04 6.20
C LYS A 325 -12.87 12.35 7.43
N GLU A 326 -12.09 13.42 7.35
CA GLU A 326 -11.18 13.80 8.42
C GLU A 326 -11.83 13.79 9.80
N ASP A 327 -13.03 14.37 9.90
CA ASP A 327 -13.71 14.51 11.19
C ASP A 327 -14.11 13.18 11.83
N GLN A 328 -14.31 12.14 11.03
CA GLN A 328 -14.71 10.85 11.58
C GLN A 328 -13.64 10.23 12.48
N LEU A 329 -12.39 10.65 12.30
CA LEU A 329 -11.29 10.04 13.02
C LEU A 329 -10.87 10.86 14.23
N LYS A 330 -11.63 11.90 14.53
CA LYS A 330 -11.34 12.78 15.66
C LYS A 330 -12.27 12.52 16.84
N ASP B 2 -20.34 12.15 -17.57
CA ASP B 2 -20.69 13.09 -18.63
C ASP B 2 -19.45 13.83 -19.13
N LYS B 3 -18.61 14.28 -18.21
CA LYS B 3 -17.36 14.93 -18.58
C LYS B 3 -16.41 13.90 -19.17
N GLY B 4 -16.59 12.65 -18.78
CA GLY B 4 -15.81 11.55 -19.31
C GLY B 4 -15.06 10.75 -18.27
N SER B 5 -14.41 9.69 -18.71
CA SER B 5 -13.63 8.83 -17.82
C SER B 5 -12.14 9.07 -17.99
N VAL B 6 -11.43 9.09 -16.87
CA VAL B 6 -9.98 9.17 -16.89
C VAL B 6 -9.41 7.90 -16.28
N GLY B 7 -8.47 7.28 -16.98
CA GLY B 7 -7.77 6.12 -16.45
C GLY B 7 -6.49 6.58 -15.80
N ILE B 8 -6.22 6.10 -14.60
CA ILE B 8 -5.04 6.53 -13.84
C ILE B 8 -4.22 5.31 -13.46
N ALA B 9 -3.03 5.18 -14.03
CA ALA B 9 -2.17 4.03 -13.75
C ALA B 9 -0.98 4.42 -12.86
N MET B 10 -0.92 3.82 -11.67
CA MET B 10 0.16 4.07 -10.73
C MET B 10 1.06 2.84 -10.63
N PRO B 11 2.34 3.03 -10.32
CA PRO B 11 3.30 1.92 -10.39
C PRO B 11 3.22 0.92 -9.23
N THR B 12 3.09 1.40 -8.00
CA THR B 12 3.15 0.54 -6.84
C THR B 12 2.74 1.31 -5.59
N LYS B 13 2.46 0.58 -4.51
CA LYS B 13 2.19 1.24 -3.23
C LYS B 13 3.35 1.04 -2.25
N SER B 14 4.39 0.34 -2.71
CA SER B 14 5.54 0.03 -1.86
C SER B 14 6.43 1.25 -1.65
N SER B 15 6.28 2.24 -2.53
CA SER B 15 6.81 3.59 -2.30
C SER B 15 5.61 4.46 -1.98
N ALA B 16 5.60 5.04 -0.78
CA ALA B 16 4.39 5.64 -0.23
C ALA B 16 3.70 6.67 -1.12
N ARG B 17 4.48 7.51 -1.78
CA ARG B 17 3.87 8.67 -2.45
C ARG B 17 2.75 8.32 -3.42
N TRP B 18 2.89 7.20 -4.14
CA TRP B 18 1.95 6.87 -5.20
C TRP B 18 0.55 6.59 -4.65
N ILE B 19 0.48 6.13 -3.41
CA ILE B 19 -0.80 6.01 -2.73
C ILE B 19 -1.50 7.36 -2.77
N ASP B 20 -0.78 8.40 -2.35
CA ASP B 20 -1.34 9.73 -2.31
C ASP B 20 -1.52 10.36 -3.69
N ASP B 21 -0.57 10.15 -4.59
CA ASP B 21 -0.72 10.68 -5.94
C ASP B 21 -2.05 10.20 -6.51
N GLY B 22 -2.28 8.90 -6.44
CA GLY B 22 -3.49 8.30 -6.95
C GLY B 22 -4.73 8.86 -6.26
N ASN B 23 -4.68 8.93 -4.93
CA ASN B 23 -5.81 9.44 -4.16
C ASN B 23 -6.07 10.92 -4.45
N ASN B 24 -5.01 11.70 -4.60
CA ASN B 24 -5.14 13.14 -4.86
C ASN B 24 -5.74 13.37 -6.23
N ILE B 25 -5.20 12.67 -7.23
CA ILE B 25 -5.70 12.77 -8.59
C ILE B 25 -7.18 12.44 -8.65
N VAL B 26 -7.56 11.30 -8.07
CA VAL B 26 -8.95 10.88 -8.06
C VAL B 26 -9.88 11.90 -7.38
N LYS B 27 -9.47 12.40 -6.21
CA LYS B 27 -10.28 13.37 -5.48
C LYS B 27 -10.53 14.61 -6.30
N GLN B 28 -9.49 15.12 -6.95
CA GLN B 28 -9.61 16.36 -7.69
C GLN B 28 -10.31 16.17 -9.03
N LEU B 29 -10.10 15.03 -9.66
CA LEU B 29 -10.80 14.70 -10.90
C LEU B 29 -12.32 14.55 -10.71
N GLN B 30 -12.71 13.87 -9.64
CA GLN B 30 -14.14 13.68 -9.36
C GLN B 30 -14.78 15.00 -8.94
N GLU B 31 -14.01 15.81 -8.21
CA GLU B 31 -14.44 17.16 -7.85
C GLU B 31 -14.74 17.96 -9.12
N ALA B 32 -13.99 17.65 -10.18
CA ALA B 32 -14.12 18.36 -11.44
C ALA B 32 -15.18 17.74 -12.35
N GLY B 33 -15.77 16.63 -11.90
CA GLY B 33 -16.89 16.04 -12.60
C GLY B 33 -16.57 14.82 -13.45
N TYR B 34 -15.33 14.34 -13.35
CA TYR B 34 -14.90 13.18 -14.13
C TYR B 34 -15.18 11.86 -13.39
N LYS B 35 -15.33 10.79 -14.17
CA LYS B 35 -15.29 9.44 -13.62
C LYS B 35 -13.84 9.00 -13.65
N THR B 36 -13.43 8.17 -12.69
CA THR B 36 -12.04 7.77 -12.61
C THR B 36 -11.88 6.25 -12.52
N ASP B 37 -10.72 5.77 -12.96
CA ASP B 37 -10.40 4.35 -12.94
C ASP B 37 -8.95 4.20 -12.51
N LEU B 38 -8.74 4.06 -11.20
CA LEU B 38 -7.40 4.03 -10.64
C LEU B 38 -6.90 2.61 -10.39
N GLN B 39 -5.71 2.30 -10.90
CA GLN B 39 -5.12 0.97 -10.76
C GLN B 39 -3.65 1.06 -10.37
N TYR B 40 -3.20 0.09 -9.57
CA TYR B 40 -1.80 0.02 -9.16
C TYR B 40 -1.21 -1.30 -9.65
N ALA B 41 0.04 -1.25 -10.11
CA ALA B 41 0.64 -2.41 -10.78
C ALA B 41 1.56 -3.27 -9.92
N ASP B 42 1.72 -2.90 -8.65
CA ASP B 42 2.62 -3.60 -7.73
C ASP B 42 4.02 -3.81 -8.30
N ASP B 43 4.47 -2.83 -9.08
CA ASP B 43 5.81 -2.85 -9.69
C ASP B 43 6.02 -4.00 -10.69
N ASP B 44 4.91 -4.54 -11.19
CA ASP B 44 4.92 -5.64 -12.17
C ASP B 44 4.72 -5.02 -13.55
N ILE B 45 5.76 -5.03 -14.37
CA ILE B 45 5.70 -4.34 -15.67
C ILE B 45 4.62 -4.92 -16.61
N PRO B 46 4.58 -6.25 -16.78
CA PRO B 46 3.50 -6.81 -17.61
C PRO B 46 2.11 -6.45 -17.08
N ASN B 47 1.96 -6.42 -15.76
CA ASN B 47 0.68 -6.08 -15.12
CA ASN B 47 0.66 -6.10 -15.17
C ASN B 47 0.24 -4.65 -15.42
N GLN B 48 1.19 -3.71 -15.35
CA GLN B 48 0.85 -2.32 -15.64
C GLN B 48 0.41 -2.18 -17.09
N LEU B 49 1.07 -2.90 -18.00
CA LEU B 49 0.67 -2.87 -19.40
C LEU B 49 -0.74 -3.41 -19.58
N SER B 50 -1.01 -4.56 -18.95
CA SER B 50 -2.35 -5.14 -19.00
C SER B 50 -3.42 -4.20 -18.48
N GLN B 51 -3.09 -3.47 -17.40
CA GLN B 51 -4.05 -2.53 -16.81
C GLN B 51 -4.37 -1.38 -17.76
N ILE B 52 -3.35 -0.85 -18.43
CA ILE B 52 -3.54 0.26 -19.34
C ILE B 52 -4.29 -0.19 -20.59
N GLU B 53 -4.02 -1.43 -21.03
CA GLU B 53 -4.76 -2.01 -22.15
C GLU B 53 -6.24 -2.13 -21.80
N ASN B 54 -6.52 -2.52 -20.55
CA ASN B 54 -7.89 -2.60 -20.05
C ASN B 54 -8.58 -1.24 -20.08
N MET B 55 -7.86 -0.20 -19.66
CA MET B 55 -8.42 1.14 -19.64
C MET B 55 -8.80 1.60 -21.04
N VAL B 56 -7.95 1.30 -22.01
CA VAL B 56 -8.23 1.69 -23.40
C VAL B 56 -9.47 0.95 -23.92
N THR B 57 -9.53 -0.35 -23.65
CA THR B 57 -10.70 -1.13 -24.02
C THR B 57 -11.94 -0.53 -23.37
N LYS B 58 -11.75 0.04 -22.19
CA LYS B 58 -12.86 0.53 -21.36
C LYS B 58 -13.23 1.97 -21.70
N GLY B 59 -12.64 2.50 -22.77
CA GLY B 59 -13.05 3.79 -23.31
C GLY B 59 -12.74 5.05 -22.51
N VAL B 60 -11.70 5.03 -21.67
CA VAL B 60 -11.30 6.26 -21.01
C VAL B 60 -10.96 7.29 -22.08
N LYS B 61 -11.11 8.58 -21.76
CA LYS B 61 -10.84 9.64 -22.72
C LYS B 61 -9.43 10.18 -22.54
N VAL B 62 -8.87 9.98 -21.35
CA VAL B 62 -7.54 10.44 -21.02
C VAL B 62 -6.82 9.39 -20.20
N LEU B 63 -5.52 9.26 -20.42
CA LEU B 63 -4.69 8.39 -19.60
C LEU B 63 -3.69 9.23 -18.82
N VAL B 64 -3.65 9.03 -17.51
CA VAL B 64 -2.64 9.62 -16.64
C VAL B 64 -1.78 8.48 -16.13
N ILE B 65 -0.53 8.43 -16.56
CA ILE B 65 0.31 7.26 -16.34
C ILE B 65 1.62 7.56 -15.64
N ALA B 66 1.80 6.96 -14.46
CA ALA B 66 3.08 6.94 -13.78
C ALA B 66 3.67 5.55 -13.98
N SER B 67 4.59 5.43 -14.92
CA SER B 67 5.03 4.13 -15.38
C SER B 67 6.21 3.54 -14.61
N ILE B 68 6.23 2.21 -14.51
CA ILE B 68 7.40 1.51 -14.00
C ILE B 68 8.49 1.60 -15.07
N ASP B 69 8.18 1.11 -16.26
CA ASP B 69 9.07 1.23 -17.41
C ASP B 69 8.26 1.65 -18.63
N GLY B 70 8.17 2.95 -18.87
CA GLY B 70 7.33 3.49 -19.94
C GLY B 70 7.64 2.98 -21.34
N THR B 71 8.87 2.55 -21.58
CA THR B 71 9.26 2.07 -22.90
C THR B 71 8.42 0.87 -23.34
N THR B 72 7.84 0.17 -22.38
CA THR B 72 7.05 -1.02 -22.67
C THR B 72 5.64 -0.68 -23.16
N LEU B 73 5.28 0.59 -23.14
CA LEU B 73 3.91 1.02 -23.43
C LEU B 73 3.68 1.50 -24.85
N SER B 74 4.72 1.49 -25.67
CA SER B 74 4.65 2.07 -27.02
C SER B 74 3.41 1.65 -27.79
N ASP B 75 3.23 0.34 -27.95
CA ASP B 75 2.11 -0.21 -28.73
C ASP B 75 0.75 0.25 -28.21
N VAL B 76 0.53 0.11 -26.91
CA VAL B 76 -0.76 0.46 -26.32
C VAL B 76 -1.05 1.96 -26.40
N LEU B 77 -0.02 2.78 -26.31
CA LEU B 77 -0.21 4.23 -26.41
C LEU B 77 -0.44 4.65 -27.87
N LYS B 78 0.09 3.86 -28.80
CA LYS B 78 -0.20 4.06 -30.21
C LYS B 78 -1.68 3.82 -30.45
N GLN B 79 -2.19 2.71 -29.92
CA GLN B 79 -3.61 2.39 -29.97
C GLN B 79 -4.47 3.49 -29.33
N ALA B 80 -4.02 3.97 -28.16
CA ALA B 80 -4.74 5.03 -27.46
C ALA B 80 -4.84 6.29 -28.33
N GLY B 81 -3.71 6.68 -28.91
CA GLY B 81 -3.65 7.86 -29.75
C GLY B 81 -4.54 7.75 -30.97
N GLU B 82 -4.67 6.53 -31.49
CA GLU B 82 -5.52 6.31 -32.65
C GLU B 82 -6.98 6.43 -32.28
N GLN B 83 -7.28 6.14 -31.01
CA GLN B 83 -8.65 6.22 -30.51
C GLN B 83 -8.97 7.62 -30.00
N GLY B 84 -8.02 8.53 -30.11
CA GLY B 84 -8.22 9.90 -29.68
C GLY B 84 -8.00 10.09 -28.18
N ILE B 85 -7.39 9.10 -27.54
CA ILE B 85 -7.13 9.19 -26.11
C ILE B 85 -5.84 9.96 -25.84
N LYS B 86 -5.95 11.05 -25.10
CA LYS B 86 -4.80 11.87 -24.75
C LYS B 86 -4.00 11.25 -23.60
N VAL B 87 -2.68 11.36 -23.68
CA VAL B 87 -1.82 10.75 -22.67
C VAL B 87 -1.01 11.79 -21.91
N ILE B 88 -1.15 11.76 -20.58
CA ILE B 88 -0.34 12.58 -19.71
C ILE B 88 0.63 11.70 -18.94
N ALA B 89 1.92 11.90 -19.13
CA ALA B 89 2.92 11.23 -18.31
C ALA B 89 2.94 11.88 -16.93
N TYR B 90 2.71 11.08 -15.89
CA TYR B 90 2.66 11.60 -14.53
C TYR B 90 3.95 11.33 -13.77
N ASP B 91 4.61 12.41 -13.36
CA ASP B 91 5.86 12.38 -12.60
C ASP B 91 7.08 11.83 -13.35
N ARG B 92 6.93 10.64 -13.93
CA ARG B 92 8.01 10.00 -14.66
C ARG B 92 7.75 10.11 -16.16
N LEU B 93 8.78 10.50 -16.91
CA LEU B 93 8.62 10.64 -18.36
C LEU B 93 8.42 9.26 -19.02
N ILE B 94 7.47 9.19 -19.94
CA ILE B 94 7.28 8.00 -20.77
C ILE B 94 8.11 8.16 -22.03
N ARG B 95 9.09 7.28 -22.22
CA ARG B 95 10.02 7.39 -23.33
C ARG B 95 9.60 6.52 -24.52
N ASN B 96 10.23 6.75 -25.66
CA ASN B 96 10.03 5.92 -26.85
C ASN B 96 8.64 6.00 -27.46
N SER B 97 7.93 7.08 -27.20
CA SER B 97 6.58 7.22 -27.73
C SER B 97 6.23 8.65 -28.12
N GLY B 98 5.69 8.82 -29.32
CA GLY B 98 5.24 10.12 -29.76
C GLY B 98 3.81 10.41 -29.36
N ASP B 99 3.19 9.46 -28.66
CA ASP B 99 1.78 9.62 -28.26
C ASP B 99 1.63 10.27 -26.89
N VAL B 100 2.75 10.65 -26.29
CA VAL B 100 2.73 11.34 -25.00
C VAL B 100 2.48 12.83 -25.22
N SER B 101 1.32 13.29 -24.79
CA SER B 101 0.89 14.66 -25.04
C SER B 101 1.55 15.69 -24.11
N TYR B 102 1.51 15.40 -22.81
CA TYR B 102 2.03 16.33 -21.80
C TYR B 102 2.71 15.58 -20.65
N TYR B 103 3.57 16.29 -19.93
CA TYR B 103 4.34 15.73 -18.84
C TYR B 103 4.21 16.63 -17.63
N ALA B 104 3.67 16.08 -16.54
CA ALA B 104 3.53 16.83 -15.30
C ALA B 104 4.50 16.25 -14.27
N THR B 105 5.36 17.09 -13.71
CA THR B 105 6.39 16.59 -12.83
C THR B 105 6.98 17.67 -11.93
N PHE B 106 7.96 17.28 -11.11
CA PHE B 106 8.74 18.25 -10.37
C PHE B 106 10.06 18.49 -11.10
N ASP B 107 10.76 19.55 -10.74
CA ASP B 107 12.04 19.86 -11.36
C ASP B 107 13.08 18.83 -10.94
N ASN B 108 13.19 17.75 -11.71
CA ASN B 108 13.99 16.62 -11.29
C ASN B 108 15.48 16.89 -11.16
N PHE B 109 16.04 17.65 -12.10
CA PHE B 109 17.44 18.04 -12.00
C PHE B 109 17.66 18.80 -10.68
N GLN B 110 16.77 19.72 -10.36
CA GLN B 110 16.90 20.53 -9.15
C GLN B 110 16.80 19.67 -7.88
N VAL B 111 15.96 18.64 -7.93
CA VAL B 111 15.90 17.68 -6.82
C VAL B 111 17.31 17.20 -6.53
N GLY B 112 18.01 16.76 -7.58
CA GLY B 112 19.39 16.32 -7.45
C GLY B 112 20.31 17.39 -6.89
N VAL B 113 20.18 18.60 -7.39
CA VAL B 113 20.99 19.72 -6.91
C VAL B 113 20.80 19.93 -5.41
N LEU B 114 19.54 19.91 -4.95
CA LEU B 114 19.24 20.14 -3.55
C LEU B 114 19.81 19.03 -2.67
N GLN B 115 19.69 17.79 -3.12
CA GLN B 115 20.22 16.66 -2.37
C GLN B 115 21.72 16.77 -2.15
N ALA B 116 22.46 17.06 -3.23
CA ALA B 116 23.91 17.22 -3.14
C ALA B 116 24.27 18.45 -2.31
N THR B 117 23.56 19.55 -2.55
CA THR B 117 23.83 20.79 -1.83
C THR B 117 23.69 20.61 -0.32
N SER B 118 22.68 19.87 0.11
CA SER B 118 22.48 19.64 1.53
C SER B 118 23.70 18.92 2.12
N ILE B 119 24.26 18.00 1.35
CA ILE B 119 25.45 17.26 1.77
C ILE B 119 26.69 18.13 1.84
N THR B 120 26.97 18.89 0.77
CA THR B 120 28.16 19.72 0.72
C THR B 120 28.11 20.83 1.77
N ASP B 121 26.90 21.32 2.04
CA ASP B 121 26.71 22.38 3.03
C ASP B 121 27.00 21.87 4.44
N LYS B 122 26.47 20.69 4.76
CA LYS B 122 26.64 20.11 6.08
C LYS B 122 28.08 19.72 6.30
N LEU B 123 28.74 19.24 5.23
CA LEU B 123 30.14 18.87 5.30
C LEU B 123 31.01 20.12 5.40
N GLY B 124 30.42 21.26 5.04
CA GLY B 124 31.12 22.53 5.08
C GLY B 124 32.21 22.61 4.03
N LEU B 125 31.96 22.03 2.87
CA LEU B 125 32.94 22.02 1.79
C LEU B 125 33.21 23.43 1.22
N LYS B 126 32.20 24.29 1.25
CA LYS B 126 32.36 25.67 0.77
C LYS B 126 33.43 26.41 1.56
N ASP B 127 33.82 25.85 2.69
CA ASP B 127 34.80 26.48 3.57
C ASP B 127 36.18 25.82 3.45
N GLY B 128 36.34 24.95 2.47
CA GLY B 128 37.60 24.28 2.26
C GLY B 128 37.81 23.09 3.17
N LYS B 129 36.74 22.66 3.83
CA LYS B 129 36.80 21.46 4.66
C LYS B 129 37.13 20.26 3.79
N GLY B 130 37.58 19.18 4.42
CA GLY B 130 37.85 17.95 3.70
C GLY B 130 39.27 17.45 3.82
N PRO B 131 39.57 16.31 3.17
CA PRO B 131 38.59 15.63 2.31
C PRO B 131 37.61 14.75 3.07
N PHE B 132 36.62 14.21 2.36
CA PHE B 132 35.62 13.33 2.93
C PHE B 132 35.35 12.17 1.99
N ASN B 133 35.04 11.00 2.55
CA ASN B 133 34.66 9.84 1.77
C ASN B 133 33.16 9.79 1.54
N ILE B 134 32.75 9.60 0.28
CA ILE B 134 31.33 9.56 -0.03
C ILE B 134 31.00 8.36 -0.93
N GLU B 135 29.81 7.79 -0.75
CA GLU B 135 29.34 6.79 -1.70
C GLU B 135 28.04 7.27 -2.36
N LEU B 136 27.78 6.78 -3.55
CA LEU B 136 26.70 7.29 -4.38
C LEU B 136 25.65 6.24 -4.67
N PHE B 137 24.38 6.61 -4.55
CA PHE B 137 23.28 5.74 -4.98
C PHE B 137 22.43 6.47 -6.01
N GLY B 138 21.91 5.71 -6.97
CA GLY B 138 20.95 6.23 -7.92
C GLY B 138 19.67 5.42 -7.87
N GLY B 139 18.64 5.91 -8.53
CA GLY B 139 17.38 5.21 -8.60
C GLY B 139 17.37 4.08 -9.62
N SER B 140 16.17 3.66 -10.03
CA SER B 140 16.04 2.57 -10.97
C SER B 140 16.40 3.02 -12.38
N PRO B 141 17.21 2.22 -13.09
CA PRO B 141 17.66 2.65 -14.42
C PRO B 141 16.54 2.68 -15.47
N ASP B 142 15.35 2.18 -15.14
CA ASP B 142 14.20 2.31 -16.06
C ASP B 142 13.32 3.50 -15.72
N ASP B 143 13.76 4.30 -14.75
CA ASP B 143 13.07 5.53 -14.36
C ASP B 143 13.86 6.71 -14.90
N ASN B 144 13.30 7.41 -15.89
CA ASN B 144 13.98 8.57 -16.46
C ASN B 144 14.38 9.59 -15.40
N ASN B 145 13.56 9.73 -14.36
CA ASN B 145 13.87 10.65 -13.27
C ASN B 145 15.23 10.36 -12.62
N ALA B 146 15.58 9.09 -12.52
CA ALA B 146 16.79 8.70 -11.79
C ALA B 146 18.03 9.35 -12.40
N PHE B 147 18.03 9.50 -13.72
CA PHE B 147 19.17 10.08 -14.40
C PHE B 147 19.26 11.56 -14.09
N PHE B 148 18.11 12.20 -13.97
CA PHE B 148 18.07 13.62 -13.62
C PHE B 148 18.50 13.86 -12.18
N PHE B 149 18.03 13.02 -11.26
CA PHE B 149 18.45 13.17 -9.87
C PHE B 149 19.96 13.01 -9.78
N TYR B 150 20.48 11.97 -10.44
CA TYR B 150 21.91 11.68 -10.42
C TYR B 150 22.74 12.81 -11.04
N ASP B 151 22.35 13.23 -12.25
CA ASP B 151 23.06 14.28 -12.96
C ASP B 151 23.00 15.60 -12.20
N GLY B 152 21.84 15.90 -11.62
CA GLY B 152 21.68 17.09 -10.83
C GLY B 152 22.63 17.09 -9.64
N ALA B 153 22.68 15.97 -8.93
CA ALA B 153 23.58 15.84 -7.80
C ALA B 153 25.06 15.94 -8.22
N MET B 154 25.40 15.28 -9.32
CA MET B 154 26.80 15.28 -9.77
C MET B 154 27.25 16.65 -10.25
N SER B 155 26.31 17.49 -10.68
CA SER B 155 26.67 18.85 -11.10
C SER B 155 27.24 19.63 -9.91
N VAL B 156 26.91 19.16 -8.70
CA VAL B 156 27.39 19.78 -7.47
C VAL B 156 28.60 19.04 -6.91
N LEU B 157 28.55 17.72 -6.92
CA LEU B 157 29.59 16.90 -6.31
C LEU B 157 30.86 16.76 -7.16
N LYS B 158 30.70 16.73 -8.48
CA LYS B 158 31.81 16.46 -9.39
C LYS B 158 33.05 17.33 -9.17
N PRO B 159 32.86 18.66 -9.01
CA PRO B 159 34.01 19.54 -8.77
C PRO B 159 34.84 19.10 -7.56
N TYR B 160 34.17 18.73 -6.47
CA TYR B 160 34.87 18.29 -5.26
C TYR B 160 35.53 16.93 -5.44
N ILE B 161 34.88 16.03 -6.18
CA ILE B 161 35.47 14.74 -6.50
C ILE B 161 36.71 14.93 -7.37
N ASP B 162 36.62 15.85 -8.34
CA ASP B 162 37.75 16.15 -9.21
C ASP B 162 38.89 16.81 -8.45
N SER B 163 38.55 17.74 -7.56
CA SER B 163 39.55 18.45 -6.78
C SER B 163 40.14 17.54 -5.71
N GLY B 164 39.43 16.48 -5.38
CA GLY B 164 39.90 15.51 -4.40
C GLY B 164 39.37 15.74 -3.01
N LYS B 165 38.52 16.76 -2.87
CA LYS B 165 37.91 17.05 -1.56
C LYS B 165 36.84 16.01 -1.21
N LEU B 166 36.28 15.37 -2.23
CA LEU B 166 35.41 14.21 -2.03
C LEU B 166 36.03 13.00 -2.70
N VAL B 167 35.98 11.85 -2.01
CA VAL B 167 36.56 10.62 -2.54
C VAL B 167 35.49 9.54 -2.58
N VAL B 168 35.27 8.94 -3.75
CA VAL B 168 34.39 7.79 -3.83
C VAL B 168 35.26 6.55 -3.67
N LYS B 169 35.38 6.08 -2.43
CA LYS B 169 36.38 5.08 -2.10
C LYS B 169 36.17 3.75 -2.83
N SER B 170 34.92 3.44 -3.14
CA SER B 170 34.62 2.22 -3.88
C SER B 170 34.96 2.37 -5.36
N GLY B 171 35.09 3.61 -5.81
CA GLY B 171 35.31 3.90 -7.21
C GLY B 171 34.06 3.66 -8.04
N GLN B 172 32.92 3.49 -7.38
CA GLN B 172 31.68 3.22 -8.09
C GLN B 172 30.91 4.49 -8.43
N MET B 173 30.80 4.77 -9.73
CA MET B 173 30.10 5.96 -10.21
C MET B 173 29.34 5.64 -11.50
N GLY B 174 28.34 6.47 -11.80
CA GLY B 174 27.53 6.29 -12.99
C GLY B 174 26.33 5.41 -12.71
N MET B 175 25.21 5.68 -13.38
CA MET B 175 23.99 4.93 -13.14
C MET B 175 24.12 3.42 -13.35
N ASP B 176 25.02 3.01 -14.24
CA ASP B 176 25.20 1.59 -14.49
C ASP B 176 25.78 0.89 -13.28
N LYS B 177 26.52 1.63 -12.45
CA LYS B 177 27.15 1.06 -11.25
C LYS B 177 26.41 1.36 -9.95
N VAL B 178 25.78 2.54 -9.88
CA VAL B 178 25.19 3.00 -8.61
C VAL B 178 23.66 2.92 -8.56
N GLY B 179 23.03 2.64 -9.70
CA GLY B 179 21.58 2.54 -9.76
C GLY B 179 21.02 1.45 -8.87
N THR B 180 19.80 1.65 -8.39
CA THR B 180 19.16 0.69 -7.49
C THR B 180 17.87 0.22 -8.14
N LEU B 181 17.88 -1.01 -8.66
CA LEU B 181 16.75 -1.52 -9.42
C LEU B 181 15.46 -1.44 -8.60
N ARG B 182 14.40 -0.94 -9.24
CA ARG B 182 13.08 -0.85 -8.63
C ARG B 182 13.07 0.03 -7.37
N TRP B 183 14.09 0.85 -7.21
CA TRP B 183 14.18 1.73 -6.04
C TRP B 183 13.97 0.90 -4.76
N ASP B 184 14.51 -0.31 -4.76
CA ASP B 184 14.29 -1.26 -3.67
C ASP B 184 15.21 -0.99 -2.47
N PRO B 185 14.62 -0.68 -1.30
CA PRO B 185 15.45 -0.41 -0.12
C PRO B 185 16.36 -1.58 0.28
N ALA B 186 15.87 -2.81 0.14
CA ALA B 186 16.67 -3.99 0.50
C ALA B 186 17.88 -4.09 -0.41
N THR B 187 17.70 -3.72 -1.67
CA THR B 187 18.80 -3.77 -2.62
C THR B 187 19.86 -2.74 -2.22
N ALA B 188 19.40 -1.54 -1.88
CA ALA B 188 20.28 -0.49 -1.41
C ALA B 188 20.99 -0.87 -0.12
N GLN B 189 20.26 -1.46 0.82
CA GLN B 189 20.87 -1.84 2.09
C GLN B 189 21.95 -2.91 1.87
N ALA B 190 21.67 -3.88 1.00
CA ALA B 190 22.64 -4.92 0.69
C ALA B 190 23.88 -4.34 0.04
N ARG B 191 23.69 -3.34 -0.82
CA ARG B 191 24.84 -2.72 -1.47
C ARG B 191 25.69 -1.93 -0.47
N MET B 192 25.03 -1.23 0.43
CA MET B 192 25.75 -0.50 1.46
C MET B 192 26.53 -1.45 2.36
N ASP B 193 25.96 -2.63 2.63
CA ASP B 193 26.65 -3.65 3.41
C ASP B 193 27.95 -4.03 2.72
N ASN B 194 27.84 -4.26 1.43
CA ASN B 194 28.96 -4.69 0.59
C ASN B 194 30.04 -3.62 0.52
N LEU B 195 29.63 -2.37 0.32
CA LEU B 195 30.56 -1.25 0.25
C LEU B 195 31.32 -1.08 1.56
N LEU B 196 30.60 -1.11 2.67
CA LEU B 196 31.23 -0.94 3.98
C LEU B 196 32.27 -2.02 4.27
N SER B 197 31.93 -3.27 3.98
CA SER B 197 32.83 -4.38 4.29
C SER B 197 34.06 -4.39 3.39
N ALA B 198 33.88 -4.00 2.13
CA ALA B 198 34.97 -4.06 1.17
C ALA B 198 35.88 -2.83 1.21
N TYR B 199 35.28 -1.64 1.38
CA TYR B 199 36.04 -0.40 1.23
C TYR B 199 36.21 0.44 2.49
N TYR B 200 35.48 0.10 3.56
CA TYR B 200 35.54 0.91 4.77
C TYR B 200 35.93 0.13 6.02
N THR B 201 36.85 -0.81 5.84
CA THR B 201 37.42 -1.56 6.94
C THR B 201 38.37 -0.66 7.73
N ASP B 202 39.04 0.24 7.01
CA ASP B 202 39.93 1.21 7.64
C ASP B 202 39.22 2.55 7.80
N ALA B 203 38.78 3.09 6.67
CA ALA B 203 38.22 4.43 6.63
C ALA B 203 36.76 4.50 7.08
N LYS B 204 36.29 5.73 7.32
CA LYS B 204 34.90 5.98 7.66
C LYS B 204 34.18 6.64 6.49
N VAL B 205 32.88 6.37 6.38
CA VAL B 205 32.02 7.05 5.40
C VAL B 205 31.55 8.37 6.00
N ASP B 206 31.75 9.46 5.27
CA ASP B 206 31.36 10.78 5.77
C ASP B 206 30.01 11.23 5.21
N ALA B 207 29.64 10.73 4.05
CA ALA B 207 28.35 11.07 3.46
C ALA B 207 27.88 10.00 2.49
N VAL B 208 26.56 9.92 2.32
CA VAL B 208 26.00 9.04 1.31
C VAL B 208 24.95 9.80 0.50
N LEU B 209 25.16 9.87 -0.81
CA LEU B 209 24.15 10.45 -1.68
C LEU B 209 23.02 9.45 -1.89
N SER B 210 21.89 9.70 -1.24
CA SER B 210 20.71 8.87 -1.43
C SER B 210 19.61 9.65 -2.12
N PRO B 211 19.10 9.12 -3.24
CA PRO B 211 18.10 9.85 -4.03
C PRO B 211 16.66 9.61 -3.60
N TYR B 212 16.44 8.82 -2.55
CA TYR B 212 15.09 8.45 -2.16
C TYR B 212 15.02 7.94 -0.72
N ASP B 213 14.02 8.42 0.03
CA ASP B 213 13.89 8.12 1.45
C ASP B 213 13.92 6.63 1.75
N GLY B 214 13.28 5.84 0.88
CA GLY B 214 13.24 4.41 1.06
C GLY B 214 14.64 3.86 1.16
N LEU B 215 15.52 4.32 0.27
CA LEU B 215 16.89 3.86 0.24
C LEU B 215 17.67 4.40 1.44
N SER B 216 17.41 5.66 1.79
CA SER B 216 18.07 6.30 2.94
C SER B 216 17.92 5.48 4.22
N ILE B 217 16.72 5.04 4.50
CA ILE B 217 16.47 4.23 5.69
C ILE B 217 17.27 2.92 5.67
N GLY B 218 17.30 2.27 4.50
CA GLY B 218 18.05 1.03 4.35
C GLY B 218 19.55 1.25 4.48
N ILE B 219 20.05 2.31 3.84
CA ILE B 219 21.43 2.72 3.97
C ILE B 219 21.79 2.98 5.43
N ILE B 220 20.92 3.72 6.13
CA ILE B 220 21.16 4.02 7.55
C ILE B 220 21.20 2.73 8.40
N SER B 221 20.33 1.78 8.09
CA SER B 221 20.34 0.50 8.81
CA SER B 221 20.33 0.49 8.79
C SER B 221 21.69 -0.20 8.65
N SER B 222 22.20 -0.23 7.42
N SER B 222 22.21 -0.22 7.43
CA SER B 222 23.50 -0.81 7.14
CA SER B 222 23.52 -0.82 7.15
C SER B 222 24.59 -0.14 7.97
C SER B 222 24.61 -0.13 7.96
N LEU B 223 24.57 1.20 7.98
CA LEU B 223 25.58 1.97 8.69
C LEU B 223 25.53 1.73 10.20
N LYS B 224 24.34 1.76 10.78
CA LYS B 224 24.18 1.48 12.20
C LYS B 224 24.65 0.06 12.51
N GLY B 225 24.48 -0.84 11.55
CA GLY B 225 24.88 -2.23 11.71
C GLY B 225 26.37 -2.42 11.87
N VAL B 226 27.17 -1.46 11.40
CA VAL B 226 28.61 -1.54 11.55
C VAL B 226 29.16 -0.58 12.61
N GLY B 227 28.26 0.12 13.30
CA GLY B 227 28.66 0.90 14.46
C GLY B 227 28.51 2.40 14.37
N TYR B 228 27.94 2.87 13.26
CA TYR B 228 27.65 4.30 13.11
C TYR B 228 26.40 4.65 13.91
N GLY B 229 26.29 5.91 14.31
CA GLY B 229 25.10 6.39 14.99
C GLY B 229 25.31 6.73 16.45
N THR B 230 26.54 6.62 16.92
CA THR B 230 26.86 6.97 18.30
C THR B 230 27.42 8.38 18.39
N LYS B 231 27.45 8.93 19.61
CA LYS B 231 28.08 10.23 19.81
C LYS B 231 29.53 10.13 19.35
N ASP B 232 30.12 8.96 19.57
CA ASP B 232 31.50 8.68 19.24
C ASP B 232 31.70 8.52 17.73
N GLN B 233 30.84 7.72 17.11
CA GLN B 233 30.92 7.49 15.66
C GLN B 233 29.63 7.90 14.98
N PRO B 234 29.46 9.20 14.73
CA PRO B 234 28.23 9.77 14.19
C PRO B 234 27.91 9.18 12.82
N LEU B 235 26.63 9.09 12.49
CA LEU B 235 26.22 8.68 11.16
C LEU B 235 26.78 9.65 10.13
N PRO B 236 27.01 9.17 8.90
CA PRO B 236 27.41 10.10 7.85
C PRO B 236 26.20 10.92 7.45
N VAL B 237 26.42 11.96 6.66
CA VAL B 237 25.33 12.78 6.16
C VAL B 237 24.62 12.05 5.03
N VAL B 238 23.33 11.83 5.20
CA VAL B 238 22.52 11.07 4.24
C VAL B 238 21.32 11.91 3.80
N SER B 239 21.18 12.06 2.49
CA SER B 239 20.09 12.83 1.91
C SER B 239 18.89 11.94 1.67
N GLY B 240 17.92 12.42 0.90
CA GLY B 240 16.71 11.65 0.64
C GLY B 240 15.75 12.34 -0.32
N GLN B 241 14.54 11.80 -0.43
CA GLN B 241 13.48 12.38 -1.25
C GLN B 241 12.13 11.74 -0.95
N ASP B 242 11.09 12.58 -0.94
CA ASP B 242 9.68 12.20 -0.77
C ASP B 242 9.05 12.57 0.58
N ALA B 243 9.88 12.88 1.57
CA ALA B 243 9.38 13.15 2.93
C ALA B 243 8.46 12.04 3.44
N GLU B 244 8.87 10.79 3.22
CA GLU B 244 8.19 9.64 3.79
C GLU B 244 8.26 9.71 5.32
N VAL B 245 7.22 9.23 5.98
CA VAL B 245 7.17 9.36 7.44
C VAL B 245 8.38 8.73 8.16
N PRO B 246 8.77 7.51 7.78
CA PRO B 246 9.94 6.93 8.46
C PRO B 246 11.19 7.81 8.36
N SER B 247 11.37 8.47 7.21
CA SER B 247 12.50 9.39 7.04
C SER B 247 12.37 10.70 7.82
N VAL B 248 11.17 11.26 7.87
CA VAL B 248 10.95 12.48 8.65
C VAL B 248 11.22 12.20 10.12
N LYS B 249 10.79 11.04 10.60
CA LYS B 249 11.08 10.60 11.95
C LYS B 249 12.59 10.44 12.16
N SER B 250 13.27 9.89 11.16
CA SER B 250 14.72 9.72 11.23
C SER B 250 15.40 11.08 11.36
N ILE B 251 14.96 12.03 10.55
CA ILE B 251 15.47 13.40 10.60
C ILE B 251 15.26 14.02 11.97
N ILE B 252 14.06 13.86 12.53
CA ILE B 252 13.76 14.39 13.85
C ILE B 252 14.66 13.78 14.91
N ALA B 253 15.00 12.50 14.73
CA ALA B 253 15.84 11.76 15.66
C ALA B 253 17.31 12.04 15.46
N GLY B 254 17.64 12.92 14.53
CA GLY B 254 19.03 13.29 14.29
C GLY B 254 19.83 12.21 13.57
N GLU B 255 19.14 11.38 12.79
CA GLU B 255 19.81 10.35 12.00
C GLU B 255 19.90 10.79 10.54
N GLN B 256 18.93 10.40 9.72
CA GLN B 256 18.91 10.91 8.35
C GLN B 256 19.00 12.43 8.44
N TYR B 257 19.76 13.03 7.53
CA TYR B 257 19.98 14.47 7.62
C TYR B 257 18.94 15.30 6.89
N SER B 258 18.61 14.92 5.66
CA SER B 258 17.70 15.73 4.85
C SER B 258 16.83 14.88 3.94
N THR B 259 15.77 15.52 3.44
CA THR B 259 14.92 14.91 2.42
C THR B 259 14.42 16.01 1.48
N ILE B 260 13.55 15.63 0.55
CA ILE B 260 12.98 16.60 -0.39
C ILE B 260 11.46 16.42 -0.41
N PHE B 261 10.73 17.51 -0.17
CA PHE B 261 9.27 17.46 -0.18
C PHE B 261 8.73 17.78 -1.57
N LYS B 262 7.94 16.87 -2.11
CA LYS B 262 7.25 17.07 -3.38
C LYS B 262 5.76 16.86 -3.11
N ASP B 263 5.02 17.95 -3.06
CA ASP B 263 3.60 17.88 -2.68
C ASP B 263 2.77 17.20 -3.75
N THR B 264 2.42 15.94 -3.51
CA THR B 264 1.64 15.18 -4.47
C THR B 264 0.32 15.89 -4.77
N ARG B 265 -0.20 16.62 -3.78
CA ARG B 265 -1.48 17.30 -3.97
C ARG B 265 -1.38 18.36 -5.07
N GLU B 266 -0.23 19.02 -5.15
CA GLU B 266 -0.02 20.03 -6.16
C GLU B 266 0.25 19.44 -7.55
N LEU B 267 0.90 18.29 -7.60
CA LEU B 267 1.14 17.64 -8.90
C LEU B 267 -0.20 17.18 -9.46
N ALA B 268 -1.07 16.70 -8.57
CA ALA B 268 -2.43 16.31 -8.97
C ALA B 268 -3.19 17.49 -9.54
N LYS B 269 -3.05 18.66 -8.93
CA LYS B 269 -3.73 19.85 -9.43
C LYS B 269 -3.24 20.17 -10.84
N VAL B 270 -1.93 20.13 -11.03
CA VAL B 270 -1.34 20.38 -12.34
C VAL B 270 -1.93 19.41 -13.36
N THR B 271 -1.99 18.15 -12.96
CA THR B 271 -2.55 17.11 -13.80
C THR B 271 -3.99 17.39 -14.16
N VAL B 272 -4.81 17.71 -13.15
CA VAL B 272 -6.20 18.04 -13.41
C VAL B 272 -6.30 19.24 -14.36
N ASN B 273 -5.47 20.26 -14.13
CA ASN B 273 -5.39 21.39 -15.06
C ASN B 273 -5.21 20.93 -16.51
N MET B 274 -4.28 19.99 -16.72
CA MET B 274 -4.00 19.48 -18.06
C MET B 274 -5.20 18.72 -18.61
N VAL B 275 -5.83 17.91 -17.76
CA VAL B 275 -6.99 17.14 -18.19
C VAL B 275 -8.11 18.06 -18.62
N ASN B 276 -8.33 19.13 -17.85
CA ASN B 276 -9.35 20.12 -18.19
C ASN B 276 -9.08 20.76 -19.54
N ALA B 277 -7.83 21.15 -19.75
CA ALA B 277 -7.44 21.79 -21.01
C ALA B 277 -7.72 20.86 -22.17
N VAL B 278 -7.18 19.64 -22.08
CA VAL B 278 -7.38 18.63 -23.11
C VAL B 278 -8.86 18.41 -23.40
N MET B 279 -9.64 18.14 -22.36
CA MET B 279 -11.06 17.83 -22.52
C MET B 279 -11.86 18.97 -23.15
N GLU B 280 -11.35 20.19 -23.03
CA GLU B 280 -12.03 21.36 -23.59
C GLU B 280 -11.42 21.77 -24.92
N GLY B 281 -10.29 21.18 -25.26
CA GLY B 281 -9.61 21.50 -26.51
C GLY B 281 -8.72 22.71 -26.41
N LYS B 282 -8.20 22.96 -25.21
CA LYS B 282 -7.28 24.07 -25.00
C LYS B 282 -5.86 23.56 -24.83
N GLU B 283 -4.89 24.46 -24.92
CA GLU B 283 -3.52 24.12 -24.55
C GLU B 283 -3.32 24.30 -23.05
N PRO B 284 -2.85 23.25 -22.37
CA PRO B 284 -2.58 23.36 -20.94
C PRO B 284 -1.37 24.25 -20.72
N GLU B 285 -1.24 24.80 -19.51
CA GLU B 285 -0.08 25.59 -19.17
C GLU B 285 1.16 24.69 -19.04
N VAL B 286 2.24 25.09 -19.69
CA VAL B 286 3.53 24.42 -19.53
C VAL B 286 4.58 25.47 -19.26
N ASN B 287 5.67 25.08 -18.62
CA ASN B 287 6.75 26.01 -18.33
C ASN B 287 8.12 25.47 -18.71
N ASP B 288 8.12 24.37 -19.47
CA ASP B 288 9.36 23.81 -20.00
C ASP B 288 9.08 23.00 -21.28
N THR B 289 9.62 23.47 -22.39
CA THR B 289 9.43 22.78 -23.65
C THR B 289 10.76 22.36 -24.28
N LYS B 290 11.80 22.23 -23.45
CA LYS B 290 13.14 21.96 -23.98
C LYS B 290 13.88 20.82 -23.29
N THR B 291 13.54 20.54 -22.04
CA THR B 291 14.31 19.60 -21.21
C THR B 291 14.03 18.12 -21.46
N TYR B 292 12.75 17.76 -21.55
CA TYR B 292 12.39 16.36 -21.49
C TYR B 292 12.20 15.68 -22.84
N GLU B 293 13.31 15.51 -23.54
CA GLU B 293 13.35 14.69 -24.75
C GLU B 293 13.05 13.26 -24.34
N ASN B 294 12.20 12.57 -25.10
CA ASN B 294 11.82 11.21 -24.72
C ASN B 294 12.22 10.14 -25.74
N GLY B 295 13.05 10.52 -26.71
CA GLY B 295 13.52 9.60 -27.73
C GLY B 295 12.78 9.81 -29.03
N VAL B 296 11.57 10.37 -28.93
CA VAL B 296 10.76 10.66 -30.12
C VAL B 296 10.53 12.15 -30.27
N LYS B 297 10.36 12.84 -29.14
CA LYS B 297 10.13 14.29 -29.16
C LYS B 297 10.40 14.89 -27.79
N VAL B 298 10.43 16.22 -27.74
CA VAL B 298 10.54 16.90 -26.45
C VAL B 298 9.13 17.16 -25.95
N VAL B 299 8.74 16.46 -24.88
CA VAL B 299 7.38 16.54 -24.38
C VAL B 299 7.13 17.83 -23.61
N PRO B 300 6.08 18.57 -23.99
CA PRO B 300 5.72 19.81 -23.28
C PRO B 300 5.41 19.51 -21.82
N SER B 301 6.07 20.24 -20.92
CA SER B 301 6.05 19.86 -19.52
C SER B 301 5.75 21.03 -18.60
N TYR B 302 5.15 20.71 -17.45
CA TYR B 302 5.01 21.67 -16.37
C TYR B 302 5.79 21.15 -15.16
N LEU B 303 6.75 21.96 -14.69
CA LEU B 303 7.60 21.56 -13.58
C LEU B 303 7.29 22.32 -12.30
N LEU B 304 7.13 21.58 -11.20
CA LEU B 304 6.91 22.17 -9.89
C LEU B 304 8.24 22.23 -9.12
N LYS B 305 8.40 23.27 -8.30
CA LYS B 305 9.64 23.47 -7.58
C LYS B 305 9.68 22.64 -6.30
N PRO B 306 10.62 21.70 -6.22
CA PRO B 306 10.74 20.84 -5.03
C PRO B 306 11.28 21.64 -3.85
N VAL B 307 11.06 21.13 -2.65
CA VAL B 307 11.44 21.85 -1.43
C VAL B 307 12.37 21.00 -0.56
N ALA B 308 13.53 21.55 -0.24
CA ALA B 308 14.45 20.88 0.68
C ALA B 308 13.91 20.91 2.10
N VAL B 309 14.03 19.78 2.80
CA VAL B 309 13.55 19.68 4.18
C VAL B 309 14.62 19.11 5.11
N THR B 310 14.84 19.79 6.23
CA THR B 310 15.70 19.28 7.30
C THR B 310 14.94 19.36 8.62
N LYS B 311 15.63 19.07 9.71
CA LYS B 311 14.99 19.14 11.01
C LYS B 311 14.58 20.57 11.34
N GLU B 312 15.20 21.54 10.66
CA GLU B 312 14.92 22.94 10.93
C GLU B 312 13.59 23.44 10.38
N ASN B 313 13.06 22.79 9.34
CA ASN B 313 11.85 23.30 8.70
C ASN B 313 10.76 22.28 8.41
N TYR B 314 10.94 21.05 8.86
CA TYR B 314 9.98 20.00 8.55
C TYR B 314 8.57 20.36 9.01
N LYS B 315 8.45 20.94 10.20
CA LYS B 315 7.13 21.23 10.75
C LYS B 315 6.36 22.22 9.89
N GLN B 316 6.99 23.34 9.56
CA GLN B 316 6.32 24.34 8.74
C GLN B 316 5.99 23.78 7.36
N VAL B 317 6.93 23.02 6.79
CA VAL B 317 6.75 22.50 5.45
C VAL B 317 5.74 21.36 5.39
N LEU B 318 5.87 20.40 6.31
CA LEU B 318 5.07 19.16 6.26
C LEU B 318 3.78 19.19 7.07
N VAL B 319 3.81 19.86 8.22
CA VAL B 319 2.65 19.87 9.12
C VAL B 319 1.78 21.09 8.89
N ASP B 320 2.37 22.28 9.00
CA ASP B 320 1.64 23.52 8.76
C ASP B 320 0.99 23.52 7.38
N GLY B 321 1.66 22.91 6.41
CA GLY B 321 1.16 22.83 5.05
C GLY B 321 0.08 21.78 4.86
N GLY B 322 -0.15 20.95 5.88
CA GLY B 322 -1.28 20.06 5.89
C GLY B 322 -1.06 18.67 5.31
N TYR B 323 0.14 18.39 4.80
CA TYR B 323 0.41 17.09 4.22
C TYR B 323 0.28 15.98 5.27
N TYR B 324 0.88 16.21 6.43
CA TYR B 324 0.75 15.28 7.55
C TYR B 324 0.09 15.92 8.76
N LYS B 325 -0.65 15.11 9.51
CA LYS B 325 -1.06 15.53 10.83
C LYS B 325 0.15 15.39 11.75
N GLU B 326 0.28 16.30 12.70
CA GLU B 326 1.38 16.25 13.64
C GLU B 326 1.54 14.87 14.28
N ASP B 327 0.42 14.20 14.54
CA ASP B 327 0.47 12.91 15.23
C ASP B 327 1.09 11.77 14.40
N GLN B 328 1.05 11.88 13.08
CA GLN B 328 1.68 10.87 12.22
C GLN B 328 3.21 10.82 12.38
N LEU B 329 3.78 11.94 12.85
CA LEU B 329 5.24 12.06 12.94
C LEU B 329 5.78 11.78 14.34
N LYS B 330 4.91 11.50 15.29
CA LYS B 330 5.34 11.30 16.67
C LYS B 330 5.22 9.85 17.11
#